data_1K1Y
#
_entry.id   1K1Y
#
_cell.length_a   137.610
_cell.length_b   160.968
_cell.length_c   70.202
_cell.angle_alpha   90.00
_cell.angle_beta   90.00
_cell.angle_gamma   90.00
#
_symmetry.space_group_name_H-M   'P 21 21 2'
#
loop_
_entity.id
_entity.type
_entity.pdbx_description
1 polymer 4-ALPHA-GLUCANOTRANSFERASE
2 branched 4,6-dideoxy-4-{[(1S,4R,5S,6S)-4,5,6-trihydroxy-3-(hydroxymethyl)cyclohex-2-en-1-yl]amino}-alpha-D-glucopyranose-(1-4)-alpha-D-glucopyranose-(1-4)-alpha-D-glucopyranose
3 branched alpha-D-glucopyranose-(1-4)-alpha-D-glucopyranose
4 non-polymer 'CALCIUM ION'
5 non-polymer 2-AMINO-2-HYDROXYMETHYL-PROPANE-1,3-DIOL
6 water water
#
_entity_poly.entity_id   1
_entity_poly.type   'polypeptide(L)'
_entity_poly.pdbx_seq_one_letter_code
;MERINFIFGIHNHQPLGNFGWVFEEAYNRSYRPFMEILEEFPEMKVNVHFSGPLLEWIEENKPDYLDLLRSLIKRGQLEI
VVAGFYEPVLAAIPKEDRLVQIEMLKDYARKLGYDAKGVWLTERVWQPELVKSLREAGIEYVVVDDYHFMSAGLSKEELF
WPYYTEDGGEVITVFPIDEKLRYLIPFRPVKKTIEYLESLTSDDPSKVAVFHDDGEKFGVWPGTYEWVYEKGWLREFFDA
ITSNEKINLMTYSEYLSKFTPRGLVYLPIASYFEMSEWSLPAKQAKLFVEFVEQLKEEGKFEKYRVFVRGGIWKNFFFKY
PESNFMHKRMLMVSKAVRDNPEARKYILKAQCNDAYWHGVFGGIYLPHLRRTVWENIIKAQRYLKPENKILDVDFDGRAE
IMVENDGFIATIKPHYGGSIFELSSKRKAVNYNDVLPRRWEHYHEVPEATKPEKESEEGIASIHELGKQIPEEIRRELAY
DWQLRAILQDHFIKPEETLDNYRLVKYHELGDFVNQPYEYEMIENGVKLWREGGVYAEEKIPARVEKKIELTEDGFIAKY
RVLLEKPYKALFGVEINLAVHSVMEKPEEFEAKEFEVNDPYGIGKVRIELDKAAKVWKFPIKTLSQSEAGWDFIQQGVSY
TMLFPIEKELEFTVRFREL
;
_entity_poly.pdbx_strand_id   A,B
#
# COMPACT_ATOMS: atom_id res chain seq x y z
N MET A 1 27.05 23.36 -14.00
CA MET A 1 27.06 22.62 -15.29
C MET A 1 25.69 22.69 -15.98
N GLU A 2 25.03 21.55 -16.13
CA GLU A 2 23.72 21.52 -16.77
C GLU A 2 22.67 22.24 -15.91
N ARG A 3 21.73 22.91 -16.58
CA ARG A 3 20.67 23.62 -15.88
C ARG A 3 19.78 22.64 -15.11
N ILE A 4 19.06 23.16 -14.13
CA ILE A 4 18.16 22.33 -13.35
C ILE A 4 16.74 22.70 -13.78
N ASN A 5 15.99 21.72 -14.24
CA ASN A 5 14.62 21.96 -14.65
C ASN A 5 13.77 22.14 -13.39
N PHE A 6 12.83 23.09 -13.46
CA PHE A 6 11.97 23.37 -12.32
C PHE A 6 10.50 23.36 -12.77
N ILE A 7 9.68 22.59 -12.07
CA ILE A 7 8.25 22.50 -12.38
C ILE A 7 7.50 23.15 -11.23
N PHE A 8 6.70 24.17 -11.56
CA PHE A 8 5.91 24.95 -10.60
C PHE A 8 4.43 24.73 -10.80
N GLY A 9 3.75 24.25 -9.76
CA GLY A 9 2.34 24.01 -9.90
C GLY A 9 1.55 24.39 -8.67
N ILE A 10 0.26 24.66 -8.87
CA ILE A 10 -0.61 24.99 -7.77
C ILE A 10 -1.87 24.15 -7.89
N HIS A 11 -2.54 23.96 -6.77
CA HIS A 11 -3.72 23.16 -6.65
C HIS A 11 -4.80 23.99 -5.93
N ASN A 12 -5.84 24.35 -6.69
CA ASN A 12 -6.96 25.18 -6.20
C ASN A 12 -8.23 24.36 -5.93
N HIS A 13 -8.73 24.41 -4.71
CA HIS A 13 -9.91 23.64 -4.35
C HIS A 13 -10.72 24.25 -3.22
N GLN A 14 -12.03 24.13 -3.36
CA GLN A 14 -12.95 24.60 -2.34
C GLN A 14 -13.96 23.47 -2.23
N PRO A 15 -14.06 22.84 -1.05
CA PRO A 15 -15.02 21.74 -0.91
C PRO A 15 -16.48 22.17 -0.98
N LEU A 16 -17.33 21.33 -1.59
CA LEU A 16 -18.75 21.61 -1.69
C LEU A 16 -19.30 21.80 -0.29
N GLY A 17 -20.07 22.85 -0.08
CA GLY A 17 -20.61 23.08 1.25
C GLY A 17 -19.95 24.29 1.86
N ASN A 18 -18.89 24.79 1.23
CA ASN A 18 -18.23 25.97 1.75
C ASN A 18 -19.13 27.18 1.61
N PHE A 19 -18.96 28.13 2.51
CA PHE A 19 -19.78 29.33 2.49
C PHE A 19 -19.40 30.18 1.29
N GLY A 20 -20.35 30.94 0.79
CA GLY A 20 -20.09 31.79 -0.34
C GLY A 20 -18.91 32.74 -0.12
N TRP A 21 -18.80 33.31 1.07
CA TRP A 21 -17.71 34.25 1.33
C TRP A 21 -16.35 33.57 1.21
N VAL A 22 -16.30 32.28 1.52
CA VAL A 22 -15.05 31.54 1.43
C VAL A 22 -14.55 31.49 -0.02
N PHE A 23 -15.46 31.19 -0.96
CA PHE A 23 -15.06 31.16 -2.37
C PHE A 23 -14.61 32.55 -2.80
N GLU A 24 -15.39 33.55 -2.42
CA GLU A 24 -15.13 34.94 -2.78
C GLU A 24 -13.76 35.37 -2.21
N GLU A 25 -13.51 35.07 -0.94
CA GLU A 25 -12.24 35.42 -0.33
C GLU A 25 -11.04 34.73 -1.03
N ALA A 26 -11.15 33.42 -1.27
CA ALA A 26 -10.06 32.70 -1.91
C ALA A 26 -9.80 33.23 -3.31
N TYR A 27 -10.85 33.66 -4.00
CA TYR A 27 -10.68 34.20 -5.35
C TYR A 27 -9.96 35.55 -5.30
N ASN A 28 -10.41 36.42 -4.40
CA ASN A 28 -9.83 37.75 -4.25
C ASN A 28 -8.43 37.74 -3.62
N ARG A 29 -8.23 36.82 -2.67
CA ARG A 29 -6.97 36.69 -1.94
C ARG A 29 -5.89 35.89 -2.65
N SER A 30 -6.30 34.95 -3.49
CA SER A 30 -5.34 34.09 -4.17
C SER A 30 -5.51 33.84 -5.66
N TYR A 31 -6.59 33.17 -6.05
CA TYR A 31 -6.85 32.83 -7.45
C TYR A 31 -6.67 33.97 -8.45
N ARG A 32 -7.23 35.14 -8.16
CA ARG A 32 -7.08 36.27 -9.08
C ARG A 32 -5.73 36.97 -9.05
N PRO A 33 -5.30 37.47 -7.87
CA PRO A 33 -3.99 38.15 -7.86
C PRO A 33 -2.84 37.29 -8.42
N PHE A 34 -2.88 36.00 -8.14
CA PHE A 34 -1.85 35.09 -8.62
C PHE A 34 -1.74 35.08 -10.15
N MET A 35 -2.88 34.99 -10.83
CA MET A 35 -2.87 34.94 -12.30
C MET A 35 -2.62 36.30 -12.92
N GLU A 36 -2.98 37.37 -12.21
CA GLU A 36 -2.75 38.69 -12.74
C GLU A 36 -1.25 38.95 -12.79
N ILE A 37 -0.56 38.47 -11.76
CA ILE A 37 0.89 38.62 -11.68
C ILE A 37 1.55 37.68 -12.68
N LEU A 38 0.97 36.50 -12.88
CA LEU A 38 1.53 35.56 -13.83
C LEU A 38 1.42 36.19 -15.21
N GLU A 39 0.34 36.92 -15.44
CA GLU A 39 0.14 37.57 -16.74
C GLU A 39 1.26 38.56 -17.02
N GLU A 40 1.82 39.14 -15.96
CA GLU A 40 2.90 40.11 -16.09
C GLU A 40 4.26 39.51 -16.46
N PHE A 41 4.42 38.19 -16.33
CA PHE A 41 5.68 37.53 -16.65
C PHE A 41 5.52 36.44 -17.73
N PRO A 42 5.46 36.85 -18.99
CA PRO A 42 5.30 35.94 -20.15
C PRO A 42 6.12 34.65 -20.13
N GLU A 43 7.30 34.68 -19.52
CA GLU A 43 8.15 33.49 -19.48
C GLU A 43 7.84 32.51 -18.37
N MET A 44 7.04 32.93 -17.40
CA MET A 44 6.70 32.04 -16.29
C MET A 44 5.74 30.95 -16.72
N LYS A 45 6.01 29.72 -16.28
CA LYS A 45 5.17 28.59 -16.60
C LYS A 45 4.61 28.00 -15.31
N VAL A 46 3.31 27.74 -15.30
CA VAL A 46 2.63 27.19 -14.13
C VAL A 46 1.73 25.99 -14.48
N ASN A 47 1.75 24.97 -13.64
CA ASN A 47 0.89 23.80 -13.83
C ASN A 47 -0.21 23.94 -12.80
N VAL A 48 -1.40 24.31 -13.26
CA VAL A 48 -2.51 24.53 -12.35
C VAL A 48 -3.68 23.55 -12.41
N HIS A 49 -4.18 23.21 -11.24
CA HIS A 49 -5.33 22.32 -11.11
C HIS A 49 -6.45 23.05 -10.40
N PHE A 50 -7.64 23.02 -11.00
CA PHE A 50 -8.83 23.63 -10.40
C PHE A 50 -9.84 22.51 -10.22
N SER A 51 -10.48 22.45 -9.07
CA SER A 51 -11.49 21.43 -8.82
C SER A 51 -12.75 21.84 -9.59
N GLY A 52 -13.59 20.88 -9.95
CA GLY A 52 -14.80 21.15 -10.71
C GLY A 52 -15.71 22.24 -10.14
N PRO A 53 -16.13 22.12 -8.88
CA PRO A 53 -16.99 23.12 -8.27
C PRO A 53 -16.40 24.53 -8.37
N LEU A 54 -15.10 24.63 -8.16
CA LEU A 54 -14.40 25.91 -8.21
C LEU A 54 -14.58 26.52 -9.60
N LEU A 55 -14.32 25.73 -10.63
CA LEU A 55 -14.47 26.22 -11.99
C LEU A 55 -15.91 26.62 -12.25
N GLU A 56 -16.85 25.93 -11.62
CA GLU A 56 -18.26 26.24 -11.80
C GLU A 56 -18.65 27.54 -11.10
N TRP A 57 -18.01 27.80 -9.96
CA TRP A 57 -18.25 29.01 -9.19
C TRP A 57 -17.69 30.19 -9.98
N ILE A 58 -16.54 29.98 -10.62
CA ILE A 58 -15.88 31.01 -11.40
C ILE A 58 -16.66 31.38 -12.65
N GLU A 59 -17.21 30.38 -13.34
CA GLU A 59 -17.98 30.63 -14.56
C GLU A 59 -19.23 31.45 -14.24
N GLU A 60 -19.84 31.19 -13.09
CA GLU A 60 -21.04 31.89 -12.67
C GLU A 60 -20.81 33.30 -12.12
N ASN A 61 -19.73 33.45 -11.36
CA ASN A 61 -19.40 34.71 -10.72
C ASN A 61 -18.29 35.53 -11.35
N LYS A 62 -17.27 34.86 -11.84
CA LYS A 62 -16.11 35.53 -12.42
C LYS A 62 -15.74 35.06 -13.83
N PRO A 63 -16.66 35.15 -14.79
CA PRO A 63 -16.43 34.73 -16.18
C PRO A 63 -15.12 35.26 -16.77
N ASP A 64 -14.82 36.54 -16.53
CA ASP A 64 -13.60 37.15 -17.07
C ASP A 64 -12.33 36.40 -16.65
N TYR A 65 -12.36 35.78 -15.47
CA TYR A 65 -11.20 35.03 -15.01
C TYR A 65 -10.90 33.89 -15.98
N LEU A 66 -11.94 33.25 -16.51
CA LEU A 66 -11.75 32.15 -17.44
C LEU A 66 -11.13 32.63 -18.77
N ASP A 67 -11.47 33.83 -19.20
CA ASP A 67 -10.90 34.34 -20.43
C ASP A 67 -9.41 34.57 -20.22
N LEU A 68 -9.06 34.93 -18.99
CA LEU A 68 -7.65 35.16 -18.65
C LEU A 68 -6.91 33.81 -18.71
N LEU A 69 -7.52 32.75 -18.15
CA LEU A 69 -6.87 31.44 -18.18
C LEU A 69 -6.69 30.93 -19.61
N ARG A 70 -7.70 31.16 -20.45
CA ARG A 70 -7.61 30.73 -21.85
C ARG A 70 -6.43 31.42 -22.53
N SER A 71 -6.25 32.69 -22.22
CA SER A 71 -5.19 33.52 -22.77
C SER A 71 -3.81 33.00 -22.36
N LEU A 72 -3.63 32.78 -21.06
CA LEU A 72 -2.38 32.28 -20.52
C LEU A 72 -2.04 30.90 -21.08
N ILE A 73 -3.07 30.07 -21.24
CA ILE A 73 -2.90 28.73 -21.79
C ILE A 73 -2.43 28.88 -23.23
N LYS A 74 -3.02 29.85 -23.92
CA LYS A 74 -2.70 30.11 -25.31
C LYS A 74 -1.28 30.65 -25.47
N ARG A 75 -0.80 31.41 -24.48
CA ARG A 75 0.55 31.95 -24.58
C ARG A 75 1.60 31.02 -23.96
N GLY A 76 1.22 29.77 -23.74
CA GLY A 76 2.13 28.77 -23.20
C GLY A 76 2.53 28.87 -21.74
N GLN A 77 1.78 29.62 -20.94
CA GLN A 77 2.10 29.78 -19.52
C GLN A 77 1.37 28.85 -18.57
N LEU A 78 0.34 28.16 -19.06
CA LEU A 78 -0.40 27.28 -18.18
C LEU A 78 -0.69 25.89 -18.71
N GLU A 79 -0.43 24.88 -17.90
CA GLU A 79 -0.79 23.53 -18.25
C GLU A 79 -1.90 23.24 -17.25
N ILE A 80 -3.07 22.84 -17.75
CA ILE A 80 -4.17 22.53 -16.87
C ILE A 80 -4.01 21.08 -16.40
N VAL A 81 -4.10 20.89 -15.08
CA VAL A 81 -3.97 19.59 -14.44
C VAL A 81 -5.35 19.21 -13.89
N VAL A 82 -5.77 17.97 -14.08
CA VAL A 82 -7.09 17.55 -13.59
C VAL A 82 -7.05 16.59 -12.43
N ALA A 83 -8.20 15.94 -12.18
CA ALA A 83 -8.40 15.00 -11.09
C ALA A 83 -9.88 14.65 -11.09
N GLY A 84 -10.38 14.15 -9.96
CA GLY A 84 -11.79 13.84 -9.86
C GLY A 84 -12.55 15.16 -9.73
N PHE A 85 -13.49 15.40 -10.64
CA PHE A 85 -14.26 16.65 -10.66
C PHE A 85 -14.60 17.23 -9.29
N TYR A 86 -15.18 16.41 -8.40
CA TYR A 86 -15.54 16.90 -7.08
C TYR A 86 -14.51 16.64 -5.99
N GLU A 87 -13.24 16.56 -6.35
CA GLU A 87 -12.17 16.27 -5.37
C GLU A 87 -12.35 15.01 -4.54
N PRO A 88 -12.61 13.88 -5.19
CA PRO A 88 -12.74 12.71 -4.31
C PRO A 88 -11.34 12.16 -4.10
N VAL A 89 -11.13 11.42 -3.02
CA VAL A 89 -9.85 10.78 -2.86
C VAL A 89 -10.13 9.54 -3.72
N LEU A 90 -9.51 9.50 -4.90
CA LEU A 90 -9.71 8.42 -5.86
C LEU A 90 -9.70 6.99 -5.30
N ALA A 91 -8.75 6.71 -4.41
CA ALA A 91 -8.62 5.38 -3.82
C ALA A 91 -9.82 4.97 -2.94
N ALA A 92 -10.64 5.94 -2.55
CA ALA A 92 -11.78 5.68 -1.68
C ALA A 92 -13.16 5.71 -2.36
N ILE A 93 -13.19 5.62 -3.68
CA ILE A 93 -14.45 5.59 -4.41
C ILE A 93 -14.36 4.50 -5.46
N PRO A 94 -15.52 3.94 -5.88
CA PRO A 94 -15.58 2.87 -6.88
C PRO A 94 -14.80 3.23 -8.14
N LYS A 95 -14.14 2.24 -8.73
CA LYS A 95 -13.36 2.47 -9.94
C LYS A 95 -14.21 3.07 -11.05
N GLU A 96 -15.49 2.71 -11.10
CA GLU A 96 -16.38 3.24 -12.12
C GLU A 96 -16.56 4.74 -11.89
N ASP A 97 -16.66 5.14 -10.62
CA ASP A 97 -16.85 6.53 -10.27
C ASP A 97 -15.59 7.36 -10.55
N ARG A 98 -14.42 6.71 -10.51
CA ARG A 98 -13.17 7.41 -10.76
C ARG A 98 -13.15 7.88 -12.21
N LEU A 99 -13.58 7.01 -13.11
CA LEU A 99 -13.61 7.31 -14.53
C LEU A 99 -14.44 8.55 -14.84
N VAL A 100 -15.72 8.50 -14.50
CA VAL A 100 -16.63 9.60 -14.74
C VAL A 100 -16.14 10.88 -14.05
N GLN A 101 -15.65 10.74 -12.82
CA GLN A 101 -15.15 11.88 -12.06
C GLN A 101 -14.03 12.61 -12.81
N ILE A 102 -13.04 11.87 -13.27
CA ILE A 102 -11.92 12.47 -13.99
C ILE A 102 -12.33 13.04 -15.35
N GLU A 103 -13.13 12.29 -16.10
CA GLU A 103 -13.58 12.74 -17.42
C GLU A 103 -14.41 14.04 -17.33
N MET A 104 -15.16 14.21 -16.26
CA MET A 104 -15.95 15.43 -16.11
C MET A 104 -15.03 16.64 -16.05
N LEU A 105 -13.89 16.48 -15.38
CA LEU A 105 -12.94 17.58 -15.26
C LEU A 105 -12.06 17.66 -16.50
N LYS A 106 -11.94 16.56 -17.24
CA LYS A 106 -11.13 16.58 -18.46
C LYS A 106 -11.93 17.37 -19.50
N ASP A 107 -13.24 17.25 -19.41
CA ASP A 107 -14.11 17.96 -20.32
C ASP A 107 -13.98 19.46 -20.04
N TYR A 108 -13.88 19.82 -18.77
CA TYR A 108 -13.75 21.22 -18.42
C TYR A 108 -12.40 21.78 -18.86
N ALA A 109 -11.34 21.05 -18.59
CA ALA A 109 -9.99 21.47 -18.98
C ALA A 109 -9.98 21.76 -20.48
N ARG A 110 -10.60 20.84 -21.21
CA ARG A 110 -10.71 20.87 -22.66
C ARG A 110 -11.40 22.16 -23.12
N LYS A 111 -12.34 22.64 -22.30
CA LYS A 111 -13.07 23.86 -22.62
C LYS A 111 -12.29 25.13 -22.31
N LEU A 112 -11.16 24.97 -21.63
CA LEU A 112 -10.30 26.11 -21.32
C LEU A 112 -9.28 26.17 -22.47
N GLY A 113 -9.32 25.13 -23.31
CA GLY A 113 -8.40 25.06 -24.43
C GLY A 113 -7.17 24.21 -24.12
N TYR A 114 -7.31 23.22 -23.24
CA TYR A 114 -6.16 22.37 -22.92
C TYR A 114 -6.57 20.92 -22.68
N ASP A 115 -5.93 20.00 -23.39
CA ASP A 115 -6.19 18.56 -23.24
C ASP A 115 -5.32 18.06 -22.09
N ALA A 116 -5.92 17.96 -20.90
CA ALA A 116 -5.18 17.52 -19.72
C ALA A 116 -4.56 16.13 -19.86
N LYS A 117 -3.32 16.02 -19.42
CA LYS A 117 -2.59 14.77 -19.47
C LYS A 117 -2.13 14.36 -18.07
N GLY A 118 -2.25 15.28 -17.11
CA GLY A 118 -1.81 15.00 -15.76
C GLY A 118 -2.86 15.09 -14.67
N VAL A 119 -2.62 14.37 -13.58
CA VAL A 119 -3.58 14.38 -12.49
C VAL A 119 -2.96 14.76 -11.16
N TRP A 120 -3.61 15.69 -10.47
CA TRP A 120 -3.17 16.06 -9.14
C TRP A 120 -3.89 15.02 -8.29
N LEU A 121 -3.14 14.20 -7.55
CA LEU A 121 -3.75 13.18 -6.69
C LEU A 121 -4.29 13.85 -5.44
N THR A 122 -5.61 13.88 -5.31
CA THR A 122 -6.23 14.51 -4.15
C THR A 122 -5.72 13.87 -2.86
N GLU A 123 -5.11 14.71 -2.03
CA GLU A 123 -4.52 14.29 -0.76
C GLU A 123 -3.43 13.25 -1.05
N ARG A 124 -3.03 13.17 -2.30
CA ARG A 124 -1.98 12.26 -2.75
C ARG A 124 -2.07 10.85 -2.15
N VAL A 125 -3.28 10.32 -2.00
CA VAL A 125 -3.46 8.99 -1.44
C VAL A 125 -3.24 7.97 -2.55
N TRP A 126 -2.11 7.28 -2.49
CA TRP A 126 -1.77 6.31 -3.51
C TRP A 126 -2.04 4.83 -3.21
N GLN A 127 -2.55 4.14 -4.22
CA GLN A 127 -2.81 2.71 -4.19
C GLN A 127 -2.36 2.26 -5.57
N PRO A 128 -1.67 1.11 -5.66
CA PRO A 128 -1.19 0.60 -6.95
C PRO A 128 -2.22 0.56 -8.07
N GLU A 129 -3.44 0.10 -7.77
CA GLU A 129 -4.47 0.01 -8.79
C GLU A 129 -4.97 1.31 -9.40
N LEU A 130 -4.51 2.45 -8.89
CA LEU A 130 -4.95 3.72 -9.45
C LEU A 130 -4.34 3.85 -10.82
N VAL A 131 -3.30 3.08 -11.10
CA VAL A 131 -2.63 3.11 -12.38
C VAL A 131 -3.60 2.76 -13.48
N LYS A 132 -4.34 1.68 -13.28
CA LYS A 132 -5.34 1.21 -14.23
C LYS A 132 -6.37 2.29 -14.51
N SER A 133 -6.91 2.85 -13.43
CA SER A 133 -7.94 3.89 -13.51
C SER A 133 -7.47 5.16 -14.20
N LEU A 134 -6.33 5.71 -13.79
CA LEU A 134 -5.81 6.93 -14.39
C LEU A 134 -5.60 6.67 -15.89
N ARG A 135 -5.10 5.47 -16.17
CA ARG A 135 -4.83 5.04 -17.53
C ARG A 135 -6.11 5.00 -18.39
N GLU A 136 -7.18 4.46 -17.83
CA GLU A 136 -8.45 4.37 -18.56
C GLU A 136 -9.03 5.75 -18.83
N ALA A 137 -8.65 6.72 -18.01
CA ALA A 137 -9.16 8.08 -18.14
C ALA A 137 -8.29 8.93 -19.07
N GLY A 138 -7.29 8.29 -19.67
CA GLY A 138 -6.41 8.98 -20.60
C GLY A 138 -5.31 9.81 -19.95
N ILE A 139 -5.01 9.55 -18.68
CA ILE A 139 -3.96 10.29 -17.98
C ILE A 139 -2.59 9.66 -18.14
N GLU A 140 -1.60 10.50 -18.47
CA GLU A 140 -0.23 10.05 -18.68
C GLU A 140 0.73 10.22 -17.50
N TYR A 141 0.35 11.03 -16.51
CA TYR A 141 1.18 11.23 -15.33
C TYR A 141 0.32 11.67 -14.15
N VAL A 142 0.79 11.38 -12.95
CA VAL A 142 0.10 11.73 -11.73
C VAL A 142 1.12 12.40 -10.83
N VAL A 143 0.66 13.29 -9.97
CA VAL A 143 1.57 14.01 -9.10
C VAL A 143 1.48 13.48 -7.68
N VAL A 144 2.62 13.04 -7.18
CA VAL A 144 2.73 12.47 -5.86
C VAL A 144 3.84 13.19 -5.05
N ASP A 145 4.26 12.65 -3.92
CA ASP A 145 5.29 13.29 -3.11
C ASP A 145 6.58 12.51 -3.11
N ASP A 146 7.67 13.18 -2.73
CA ASP A 146 8.96 12.51 -2.65
C ASP A 146 8.84 11.40 -1.61
N TYR A 147 8.05 11.66 -0.57
CA TYR A 147 7.84 10.71 0.50
C TYR A 147 7.29 9.37 0.03
N HIS A 148 6.48 9.37 -1.03
CA HIS A 148 5.95 8.10 -1.54
C HIS A 148 7.13 7.26 -1.99
N PHE A 149 8.11 7.91 -2.61
CA PHE A 149 9.28 7.20 -3.11
C PHE A 149 10.23 6.77 -1.99
N MET A 150 10.43 7.64 -1.01
CA MET A 150 11.29 7.32 0.11
C MET A 150 10.70 6.11 0.83
N SER A 151 9.38 6.04 0.85
CA SER A 151 8.69 4.92 1.51
C SER A 151 8.86 3.62 0.73
N ALA A 152 9.16 3.74 -0.56
CA ALA A 152 9.35 2.59 -1.42
C ALA A 152 10.77 2.07 -1.24
N GLY A 153 11.65 2.94 -0.76
CA GLY A 153 13.03 2.53 -0.53
C GLY A 153 14.10 3.39 -1.19
N LEU A 154 13.72 4.37 -2.00
CA LEU A 154 14.70 5.23 -2.66
C LEU A 154 15.14 6.36 -1.75
N SER A 155 16.35 6.87 -1.99
CA SER A 155 16.89 7.97 -1.20
C SER A 155 16.48 9.27 -1.87
N LYS A 156 16.43 10.36 -1.11
CA LYS A 156 16.03 11.65 -1.66
C LYS A 156 16.83 12.03 -2.90
N GLU A 157 18.11 11.68 -2.89
CA GLU A 157 18.98 11.99 -4.02
C GLU A 157 18.54 11.42 -5.37
N GLU A 158 17.75 10.36 -5.36
CA GLU A 158 17.31 9.82 -6.64
C GLU A 158 15.87 10.14 -6.95
N LEU A 159 15.36 11.20 -6.34
CA LEU A 159 13.99 11.63 -6.56
C LEU A 159 13.89 12.95 -7.30
N PHE A 160 14.93 13.30 -8.05
CA PHE A 160 14.92 14.54 -8.82
C PHE A 160 14.70 14.22 -10.30
N TRP A 161 13.87 13.22 -10.52
CA TRP A 161 13.50 12.77 -11.85
C TRP A 161 12.18 12.05 -11.61
N PRO A 162 11.29 12.03 -12.62
CA PRO A 162 10.00 11.35 -12.49
C PRO A 162 10.29 9.85 -12.74
N TYR A 163 9.37 8.99 -12.35
CA TYR A 163 9.55 7.56 -12.57
C TYR A 163 8.30 6.93 -13.14
N TYR A 164 8.48 5.76 -13.76
CA TYR A 164 7.37 4.99 -14.29
C TYR A 164 6.98 4.09 -13.14
N THR A 165 5.76 3.56 -13.19
CA THR A 165 5.31 2.61 -12.20
C THR A 165 4.24 1.78 -12.91
N GLU A 166 4.13 0.50 -12.57
CA GLU A 166 3.13 -0.30 -13.25
C GLU A 166 2.26 -1.16 -12.37
N ASP A 167 1.15 -1.57 -12.96
CA ASP A 167 0.17 -2.42 -12.31
C ASP A 167 -0.78 -2.88 -13.41
N GLY A 168 -1.18 -4.15 -13.36
CA GLY A 168 -2.07 -4.68 -14.36
C GLY A 168 -1.45 -4.59 -15.75
N GLY A 169 -0.13 -4.47 -15.81
CA GLY A 169 0.53 -4.37 -17.10
C GLY A 169 0.48 -2.97 -17.67
N GLU A 170 -0.26 -2.09 -16.99
CA GLU A 170 -0.38 -0.69 -17.40
C GLU A 170 0.73 0.08 -16.69
N VAL A 171 1.21 1.15 -17.32
CA VAL A 171 2.25 1.97 -16.73
C VAL A 171 1.87 3.44 -16.83
N ILE A 172 2.29 4.24 -15.85
CA ILE A 172 2.01 5.67 -15.85
C ILE A 172 3.25 6.35 -15.28
N THR A 173 3.41 7.65 -15.56
CA THR A 173 4.56 8.39 -15.05
C THR A 173 4.21 9.05 -13.71
N VAL A 174 5.15 9.05 -12.77
CA VAL A 174 4.94 9.64 -11.45
C VAL A 174 5.97 10.70 -11.09
N PHE A 175 5.50 11.91 -10.78
CA PHE A 175 6.37 13.02 -10.40
C PHE A 175 6.34 13.22 -8.88
N PRO A 176 7.52 13.36 -8.25
CA PRO A 176 7.50 13.56 -6.79
C PRO A 176 7.61 15.02 -6.38
N ILE A 177 6.74 15.47 -5.49
CA ILE A 177 6.80 16.85 -5.01
C ILE A 177 7.94 16.91 -4.00
N ASP A 178 8.85 17.85 -4.18
CA ASP A 178 9.98 18.05 -3.27
C ASP A 178 9.44 18.73 -2.01
N GLU A 179 9.38 18.01 -0.91
CA GLU A 179 8.86 18.57 0.34
C GLU A 179 9.49 19.91 0.73
N LYS A 180 10.79 20.05 0.47
CA LYS A 180 11.53 21.26 0.81
C LYS A 180 10.94 22.48 0.12
N LEU A 181 10.63 22.35 -1.16
CA LEU A 181 10.06 23.45 -1.89
C LEU A 181 8.69 23.81 -1.30
N ARG A 182 7.98 22.83 -0.73
CA ARG A 182 6.68 23.12 -0.14
C ARG A 182 6.83 24.01 1.08
N TYR A 183 8.02 24.05 1.67
CA TYR A 183 8.24 24.88 2.85
C TYR A 183 9.01 26.16 2.53
N LEU A 184 9.73 26.15 1.43
CA LEU A 184 10.50 27.32 0.98
C LEU A 184 9.55 28.30 0.26
N ILE A 185 8.61 27.72 -0.47
CA ILE A 185 7.65 28.45 -1.28
C ILE A 185 6.25 28.49 -0.67
N PRO A 186 5.73 29.69 -0.40
CA PRO A 186 6.38 30.98 -0.64
C PRO A 186 6.79 31.63 0.68
N PHE A 187 6.75 30.85 1.74
CA PHE A 187 7.04 31.33 3.09
C PHE A 187 8.46 31.88 3.37
N ARG A 188 9.48 31.32 2.74
CA ARG A 188 10.83 31.82 2.98
C ARG A 188 11.18 32.81 1.89
N PRO A 189 12.19 33.67 2.13
CA PRO A 189 12.59 34.66 1.13
C PRO A 189 13.04 34.02 -0.19
N VAL A 190 12.76 34.69 -1.28
CA VAL A 190 13.08 34.21 -2.62
C VAL A 190 14.47 33.62 -2.80
N LYS A 191 15.48 34.28 -2.25
CA LYS A 191 16.85 33.81 -2.38
C LYS A 191 17.01 32.38 -1.87
N LYS A 192 16.28 32.03 -0.83
CA LYS A 192 16.37 30.69 -0.25
C LYS A 192 15.99 29.61 -1.26
N THR A 193 15.05 29.92 -2.14
CA THR A 193 14.61 28.97 -3.15
C THR A 193 15.60 28.93 -4.31
N ILE A 194 16.09 30.10 -4.71
CA ILE A 194 17.05 30.17 -5.79
C ILE A 194 18.34 29.43 -5.39
N GLU A 195 18.80 29.63 -4.17
CA GLU A 195 20.03 28.98 -3.70
C GLU A 195 19.89 27.46 -3.69
N TYR A 196 18.73 26.98 -3.22
CA TYR A 196 18.46 25.55 -3.16
C TYR A 196 18.45 24.94 -4.56
N LEU A 197 17.71 25.57 -5.47
CA LEU A 197 17.62 25.06 -6.83
C LEU A 197 18.98 25.07 -7.52
N GLU A 198 19.71 26.18 -7.41
CA GLU A 198 21.02 26.25 -8.04
C GLU A 198 21.97 25.15 -7.55
N SER A 199 21.86 24.78 -6.28
CA SER A 199 22.73 23.75 -5.72
C SER A 199 22.37 22.35 -6.23
N LEU A 200 21.20 22.23 -6.88
CA LEU A 200 20.76 20.92 -7.39
C LEU A 200 21.33 20.58 -8.76
N THR A 201 21.83 21.59 -9.48
CA THR A 201 22.38 21.37 -10.81
C THR A 201 23.43 20.28 -10.84
N SER A 202 23.47 19.52 -11.92
CA SER A 202 24.45 18.45 -12.08
C SER A 202 24.72 18.28 -13.56
N ASP A 203 25.49 17.26 -13.92
CA ASP A 203 25.82 17.00 -15.31
C ASP A 203 24.69 16.29 -16.06
N ASP A 204 23.59 16.04 -15.35
CA ASP A 204 22.43 15.37 -15.93
C ASP A 204 21.39 16.41 -16.33
N PRO A 205 21.31 16.74 -17.62
CA PRO A 205 20.37 17.74 -18.16
C PRO A 205 18.89 17.46 -17.90
N SER A 206 18.57 16.22 -17.52
CA SER A 206 17.19 15.85 -17.27
C SER A 206 16.77 16.01 -15.82
N LYS A 207 17.73 16.34 -14.95
CA LYS A 207 17.40 16.49 -13.54
C LYS A 207 16.30 17.53 -13.37
N VAL A 208 15.39 17.31 -12.43
CA VAL A 208 14.30 18.24 -12.23
C VAL A 208 13.79 18.23 -10.79
N ALA A 209 13.39 19.40 -10.32
CA ALA A 209 12.83 19.55 -8.98
C ALA A 209 11.38 20.00 -9.17
N VAL A 210 10.49 19.49 -8.33
CA VAL A 210 9.07 19.81 -8.46
C VAL A 210 8.41 20.47 -7.26
N PHE A 211 7.73 21.59 -7.52
CA PHE A 211 6.97 22.25 -6.49
C PHE A 211 5.52 22.22 -6.96
N HIS A 212 4.62 21.78 -6.09
CA HIS A 212 3.20 21.77 -6.42
C HIS A 212 2.50 21.71 -5.08
N ASP A 213 1.72 22.74 -4.80
CA ASP A 213 1.02 22.81 -3.52
C ASP A 213 -0.24 23.65 -3.63
N ASP A 214 -0.93 23.84 -2.51
CA ASP A 214 -2.17 24.60 -2.46
C ASP A 214 -2.06 26.02 -2.98
N GLY A 215 -2.97 26.38 -3.89
CA GLY A 215 -2.97 27.72 -4.42
C GLY A 215 -3.30 28.70 -3.29
N GLU A 216 -4.18 28.27 -2.39
CA GLU A 216 -4.62 29.09 -1.27
C GLU A 216 -3.48 29.52 -0.38
N LYS A 217 -2.36 28.82 -0.51
CA LYS A 217 -1.16 29.12 0.26
C LYS A 217 -0.59 30.47 -0.20
N PHE A 218 -0.96 30.90 -1.40
CA PHE A 218 -0.49 32.18 -1.93
C PHE A 218 -1.55 33.27 -1.74
N GLY A 219 -1.88 33.57 -0.49
CA GLY A 219 -2.86 34.61 -0.23
C GLY A 219 -3.99 34.36 0.77
N VAL A 220 -4.51 33.14 0.83
CA VAL A 220 -5.59 32.86 1.76
C VAL A 220 -5.11 32.47 3.14
N TRP A 221 -4.20 31.52 3.20
CA TRP A 221 -3.67 31.09 4.50
C TRP A 221 -3.27 32.32 5.30
N PRO A 222 -3.57 32.31 6.61
CA PRO A 222 -3.25 33.43 7.49
C PRO A 222 -1.85 34.01 7.29
N GLY A 223 -1.81 35.31 7.03
CA GLY A 223 -0.55 36.01 6.83
C GLY A 223 -0.01 36.02 5.40
N THR A 224 -0.46 35.08 4.57
CA THR A 224 0.07 34.99 3.20
C THR A 224 -0.26 36.11 2.24
N TYR A 225 -1.37 36.80 2.41
CA TYR A 225 -1.68 37.89 1.49
C TYR A 225 -0.68 39.04 1.63
N GLU A 226 -0.36 39.37 2.88
CA GLU A 226 0.58 40.43 3.21
C GLU A 226 1.96 40.07 2.65
N TRP A 227 2.39 38.85 2.95
CA TRP A 227 3.69 38.35 2.52
C TRP A 227 3.84 38.19 1.01
N VAL A 228 2.90 37.50 0.38
CA VAL A 228 2.96 37.24 -1.04
C VAL A 228 2.63 38.44 -1.95
N TYR A 229 1.61 39.20 -1.59
CA TYR A 229 1.24 40.32 -2.43
C TYR A 229 1.67 41.69 -1.93
N GLU A 230 1.20 42.10 -0.75
CA GLU A 230 1.55 43.40 -0.22
C GLU A 230 3.06 43.59 -0.16
N LYS A 231 3.78 42.56 0.23
CA LYS A 231 5.23 42.65 0.32
C LYS A 231 5.99 42.15 -0.91
N GLY A 232 5.24 41.87 -1.99
CA GLY A 232 5.80 41.45 -3.26
C GLY A 232 6.58 40.16 -3.47
N TRP A 233 6.34 39.14 -2.66
CA TRP A 233 7.06 37.89 -2.84
C TRP A 233 6.85 37.25 -4.23
N LEU A 234 5.61 37.14 -4.68
CA LEU A 234 5.32 36.53 -5.98
C LEU A 234 6.00 37.25 -7.14
N ARG A 235 5.85 38.58 -7.19
CA ARG A 235 6.46 39.35 -8.27
C ARG A 235 7.99 39.17 -8.27
N GLU A 236 8.58 39.12 -7.08
CA GLU A 236 10.02 38.95 -6.93
C GLU A 236 10.45 37.53 -7.33
N PHE A 237 9.61 36.54 -7.02
CA PHE A 237 9.92 35.15 -7.35
C PHE A 237 9.82 34.89 -8.86
N PHE A 238 8.73 35.36 -9.47
CA PHE A 238 8.56 35.18 -10.90
C PHE A 238 9.69 35.85 -11.68
N ASP A 239 10.16 36.99 -11.18
CA ASP A 239 11.22 37.70 -11.87
C ASP A 239 12.53 36.93 -11.75
N ALA A 240 12.81 36.45 -10.54
CA ALA A 240 14.02 35.71 -10.25
C ALA A 240 14.05 34.37 -10.97
N ILE A 241 12.95 33.63 -10.85
CA ILE A 241 12.85 32.31 -11.45
C ILE A 241 12.90 32.29 -12.98
N THR A 242 12.54 33.41 -13.61
CA THR A 242 12.57 33.49 -15.08
C THR A 242 13.86 34.15 -15.59
N SER A 243 14.65 34.73 -14.68
CA SER A 243 15.89 35.41 -15.04
C SER A 243 17.14 34.67 -14.53
N ASN A 244 17.03 33.38 -14.30
CA ASN A 244 18.16 32.60 -13.80
C ASN A 244 18.64 31.62 -14.87
N GLU A 245 19.91 31.73 -15.26
CA GLU A 245 20.45 30.85 -16.28
C GLU A 245 20.75 29.41 -15.86
N LYS A 246 20.64 29.14 -14.55
CA LYS A 246 20.90 27.78 -14.06
C LYS A 246 19.59 27.03 -13.84
N ILE A 247 18.47 27.74 -13.93
CA ILE A 247 17.15 27.14 -13.71
C ILE A 247 16.26 27.16 -14.95
N ASN A 248 15.87 25.98 -15.42
CA ASN A 248 15.02 25.88 -16.59
C ASN A 248 13.58 25.56 -16.21
N LEU A 249 12.72 26.53 -16.41
CA LEU A 249 11.30 26.46 -16.09
C LEU A 249 10.48 25.69 -17.13
N MET A 250 9.72 24.69 -16.71
CA MET A 250 8.88 24.00 -17.67
C MET A 250 7.63 23.33 -17.06
N THR A 251 6.66 23.01 -17.92
CA THR A 251 5.44 22.35 -17.44
C THR A 251 5.70 20.85 -17.45
N TYR A 252 4.86 20.08 -16.76
CA TYR A 252 5.03 18.64 -16.73
C TYR A 252 5.07 18.03 -18.13
N SER A 253 4.09 18.39 -18.95
CA SER A 253 4.00 17.86 -20.30
C SER A 253 5.23 18.18 -21.15
N GLU A 254 5.80 19.37 -20.95
CA GLU A 254 6.99 19.80 -21.69
C GLU A 254 8.16 18.91 -21.30
N TYR A 255 8.26 18.61 -20.01
CA TYR A 255 9.33 17.75 -19.52
C TYR A 255 9.24 16.37 -20.20
N LEU A 256 8.05 15.79 -20.19
CA LEU A 256 7.88 14.48 -20.79
C LEU A 256 8.08 14.46 -22.30
N SER A 257 7.93 15.60 -22.96
CA SER A 257 8.12 15.66 -24.40
C SER A 257 9.61 15.73 -24.73
N LYS A 258 10.43 15.91 -23.71
CA LYS A 258 11.88 16.02 -23.89
C LYS A 258 12.70 14.97 -23.15
N PHE A 259 12.27 14.61 -21.94
CA PHE A 259 13.02 13.63 -21.17
C PHE A 259 12.20 12.40 -20.79
N THR A 260 12.84 11.23 -20.82
CA THR A 260 12.14 10.00 -20.45
C THR A 260 12.34 9.78 -18.95
N PRO A 261 11.31 9.24 -18.26
CA PRO A 261 11.39 8.99 -16.81
C PRO A 261 12.61 8.14 -16.48
N ARG A 262 13.21 8.38 -15.32
CA ARG A 262 14.40 7.67 -14.90
C ARG A 262 14.36 6.14 -14.94
N GLY A 263 13.24 5.55 -14.53
CA GLY A 263 13.17 4.11 -14.53
C GLY A 263 11.87 3.61 -13.92
N LEU A 264 11.87 2.35 -13.52
CA LEU A 264 10.69 1.73 -12.93
C LEU A 264 10.80 1.63 -11.42
N VAL A 265 9.69 1.89 -10.74
CA VAL A 265 9.63 1.84 -9.29
C VAL A 265 8.20 1.51 -8.84
N TYR A 266 8.07 0.96 -7.64
CA TYR A 266 6.76 0.62 -7.11
C TYR A 266 6.53 1.38 -5.83
N LEU A 267 5.32 1.91 -5.67
CA LEU A 267 5.00 2.70 -4.49
C LEU A 267 4.01 2.00 -3.58
N PRO A 268 4.12 2.24 -2.27
CA PRO A 268 3.22 1.66 -1.28
C PRO A 268 2.06 2.61 -1.10
N ILE A 269 1.16 2.28 -0.19
CA ILE A 269 0.05 3.16 0.09
C ILE A 269 0.70 4.24 0.96
N ALA A 270 0.62 5.48 0.51
CA ALA A 270 1.17 6.60 1.26
C ALA A 270 0.45 7.86 0.86
N SER A 271 0.98 8.98 1.32
CA SER A 271 0.42 10.28 1.07
C SER A 271 1.60 11.19 1.36
N TYR A 272 1.38 12.50 1.43
CA TYR A 272 2.50 13.39 1.76
C TYR A 272 2.83 13.11 3.24
N PHE A 273 4.08 13.36 3.63
CA PHE A 273 4.52 13.07 5.00
C PHE A 273 3.62 13.49 6.17
N GLU A 274 3.21 14.75 6.18
CA GLU A 274 2.36 15.28 7.25
C GLU A 274 1.12 14.40 7.51
N MET A 275 0.62 13.75 6.47
CA MET A 275 -0.56 12.90 6.60
C MET A 275 -0.28 11.64 7.43
N SER A 276 0.99 11.25 7.51
CA SER A 276 1.34 10.04 8.26
C SER A 276 1.01 10.24 9.73
N GLU A 277 0.86 11.50 10.13
CA GLU A 277 0.56 11.83 11.52
C GLU A 277 -0.93 11.78 11.82
N TRP A 278 -1.69 12.53 11.03
CA TRP A 278 -3.13 12.66 11.19
C TRP A 278 -3.92 11.36 11.05
N SER A 279 -3.54 10.52 10.09
CA SER A 279 -4.24 9.27 9.84
C SER A 279 -4.03 8.15 10.88
N LEU A 280 -3.31 8.45 11.95
CA LEU A 280 -3.09 7.49 13.02
C LEU A 280 -4.08 7.72 14.16
N PRO A 281 -4.44 6.66 14.90
CA PRO A 281 -5.37 6.83 16.02
C PRO A 281 -4.76 7.89 16.94
N ALA A 282 -5.58 8.69 17.61
CA ALA A 282 -5.08 9.76 18.47
C ALA A 282 -3.86 9.41 19.31
N LYS A 283 -3.93 8.32 20.08
CA LYS A 283 -2.81 7.89 20.92
C LYS A 283 -1.52 7.76 20.12
N GLN A 284 -1.59 6.99 19.04
CA GLN A 284 -0.41 6.77 18.21
C GLN A 284 0.04 8.04 17.51
N ALA A 285 -0.90 8.92 17.14
CA ALA A 285 -0.51 10.16 16.47
C ALA A 285 0.38 10.96 17.43
N LYS A 286 0.04 10.95 18.71
CA LYS A 286 0.81 11.67 19.72
C LYS A 286 2.23 11.13 19.79
N LEU A 287 2.35 9.80 19.76
CA LEU A 287 3.65 9.12 19.80
C LEU A 287 4.45 9.46 18.55
N PHE A 288 3.78 9.43 17.40
CA PHE A 288 4.42 9.74 16.13
C PHE A 288 5.08 11.13 16.26
N VAL A 289 4.31 12.09 16.74
CA VAL A 289 4.79 13.46 16.93
C VAL A 289 6.00 13.54 17.85
N GLU A 290 5.91 12.86 18.99
CA GLU A 290 7.01 12.84 19.96
C GLU A 290 8.28 12.32 19.28
N PHE A 291 8.09 11.27 18.48
CA PHE A 291 9.18 10.63 17.76
C PHE A 291 9.83 11.62 16.79
N VAL A 292 9.02 12.24 15.95
CA VAL A 292 9.53 13.21 14.99
C VAL A 292 10.28 14.35 15.69
N GLU A 293 9.65 14.94 16.72
CA GLU A 293 10.25 16.04 17.45
C GLU A 293 11.59 15.66 18.08
N GLN A 294 11.65 14.48 18.67
CA GLN A 294 12.87 14.02 19.31
C GLN A 294 13.98 13.74 18.31
N LEU A 295 13.60 13.42 17.07
CA LEU A 295 14.61 13.17 16.04
C LEU A 295 15.19 14.51 15.62
N LYS A 296 14.34 15.52 15.53
CA LYS A 296 14.79 16.86 15.15
C LYS A 296 15.57 17.48 16.30
N GLU A 297 15.20 17.08 17.52
CA GLU A 297 15.84 17.56 18.74
C GLU A 297 17.23 16.97 18.91
N GLU A 298 17.53 15.92 18.15
CA GLU A 298 18.83 15.27 18.21
C GLU A 298 19.47 15.36 16.84
N GLY A 299 19.17 16.47 16.15
CA GLY A 299 19.69 16.72 14.81
C GLY A 299 19.99 15.51 13.97
N LYS A 300 19.08 14.55 13.94
CA LYS A 300 19.28 13.34 13.16
C LYS A 300 18.03 12.92 12.38
N PHE A 301 17.05 13.83 12.32
CA PHE A 301 15.80 13.58 11.59
C PHE A 301 16.08 13.58 10.10
N GLU A 302 17.01 14.43 9.69
CA GLU A 302 17.37 14.56 8.27
C GLU A 302 17.95 13.29 7.64
N LYS A 303 18.86 12.62 8.33
CA LYS A 303 19.46 11.41 7.78
C LYS A 303 18.64 10.15 8.02
N TYR A 304 17.62 10.23 8.86
CA TYR A 304 16.80 9.07 9.15
C TYR A 304 15.31 9.18 8.77
N ARG A 305 14.88 10.35 8.33
CA ARG A 305 13.48 10.54 7.97
C ARG A 305 12.96 9.56 6.91
N VAL A 306 13.85 9.06 6.04
CA VAL A 306 13.44 8.11 5.01
C VAL A 306 12.89 6.80 5.57
N PHE A 307 13.09 6.58 6.87
CA PHE A 307 12.62 5.33 7.48
C PHE A 307 11.45 5.55 8.44
N VAL A 308 11.01 6.80 8.59
CA VAL A 308 9.89 7.10 9.48
C VAL A 308 8.57 6.80 8.78
N ARG A 309 7.65 6.16 9.50
CA ARG A 309 6.36 5.78 8.95
C ARG A 309 5.23 6.06 9.93
N GLY A 310 4.03 6.24 9.39
CA GLY A 310 2.87 6.52 10.21
C GLY A 310 1.63 5.85 9.65
N GLY A 311 0.48 6.50 9.79
CA GLY A 311 -0.76 5.90 9.31
C GLY A 311 -0.99 6.09 7.82
N ILE A 312 -2.13 5.60 7.36
CA ILE A 312 -2.54 5.74 5.98
C ILE A 312 -3.93 6.35 6.01
N TRP A 313 -4.25 7.14 5.00
CA TRP A 313 -5.52 7.85 4.91
C TRP A 313 -6.81 7.03 5.17
N LYS A 314 -6.96 5.91 4.49
CA LYS A 314 -8.17 5.12 4.67
C LYS A 314 -8.49 4.85 6.14
N ASN A 315 -7.48 4.87 7.00
CA ASN A 315 -7.77 4.59 8.39
C ASN A 315 -8.48 5.70 9.15
N PHE A 316 -8.97 6.70 8.42
CA PHE A 316 -9.75 7.75 9.07
C PHE A 316 -11.12 7.12 9.32
N PHE A 317 -11.42 6.08 8.54
CA PHE A 317 -12.68 5.36 8.66
C PHE A 317 -12.66 4.56 9.97
N PHE A 318 -11.47 4.27 10.47
CA PHE A 318 -11.30 3.55 11.73
C PHE A 318 -11.33 4.57 12.84
N LYS A 319 -10.54 5.64 12.67
CA LYS A 319 -10.45 6.71 13.67
C LYS A 319 -11.80 7.39 13.90
N TYR A 320 -12.54 7.61 12.81
CA TYR A 320 -13.86 8.23 12.94
C TYR A 320 -14.94 7.30 12.38
N PRO A 321 -15.67 6.62 13.28
CA PRO A 321 -16.75 5.69 12.89
C PRO A 321 -17.85 6.43 12.09
N GLU A 322 -18.03 7.72 12.39
CA GLU A 322 -19.04 8.52 11.71
C GLU A 322 -18.63 8.77 10.25
N SER A 323 -17.33 8.77 9.98
CA SER A 323 -16.86 8.96 8.61
C SER A 323 -17.02 7.64 7.87
N ASN A 324 -16.70 6.55 8.56
CA ASN A 324 -16.84 5.24 7.96
C ASN A 324 -18.30 4.98 7.56
N PHE A 325 -19.23 5.32 8.47
CA PHE A 325 -20.64 5.10 8.18
C PHE A 325 -21.07 5.95 6.98
N MET A 326 -20.62 7.20 6.98
CA MET A 326 -20.94 8.11 5.90
C MET A 326 -20.40 7.50 4.60
N HIS A 327 -19.14 7.09 4.62
CA HIS A 327 -18.49 6.52 3.44
C HIS A 327 -19.15 5.26 2.90
N LYS A 328 -19.42 4.29 3.77
CA LYS A 328 -20.03 3.04 3.34
C LYS A 328 -21.43 3.24 2.81
N ARG A 329 -22.15 4.19 3.39
CA ARG A 329 -23.50 4.51 2.95
C ARG A 329 -23.44 5.06 1.52
N MET A 330 -22.45 5.90 1.23
CA MET A 330 -22.37 6.44 -0.13
C MET A 330 -21.91 5.36 -1.10
N LEU A 331 -21.11 4.40 -0.64
CA LEU A 331 -20.67 3.33 -1.54
C LEU A 331 -21.89 2.49 -1.89
N MET A 332 -22.72 2.25 -0.88
CA MET A 332 -23.95 1.51 -1.02
C MET A 332 -24.83 2.17 -2.08
N VAL A 333 -25.06 3.48 -1.92
CA VAL A 333 -25.90 4.22 -2.84
C VAL A 333 -25.29 4.40 -4.22
N SER A 334 -23.97 4.53 -4.30
CA SER A 334 -23.32 4.71 -5.59
C SER A 334 -23.58 3.52 -6.50
N LYS A 335 -23.57 2.34 -5.91
CA LYS A 335 -23.78 1.12 -6.67
C LYS A 335 -25.21 1.00 -7.21
N ALA A 336 -26.18 1.22 -6.34
CA ALA A 336 -27.59 1.11 -6.74
C ALA A 336 -28.04 2.21 -7.69
N VAL A 337 -27.29 3.30 -7.72
CA VAL A 337 -27.62 4.46 -8.53
C VAL A 337 -26.75 4.64 -9.78
N ARG A 338 -25.79 3.75 -9.98
CA ARG A 338 -24.85 3.81 -11.10
C ARG A 338 -25.39 3.98 -12.53
N ASP A 339 -26.57 3.41 -12.82
CA ASP A 339 -27.14 3.51 -14.16
C ASP A 339 -28.10 4.68 -14.34
N ASN A 340 -28.26 5.50 -13.30
CA ASN A 340 -29.15 6.67 -13.34
C ASN A 340 -28.24 7.91 -13.27
N PRO A 341 -27.96 8.54 -14.43
CA PRO A 341 -27.11 9.73 -14.48
C PRO A 341 -27.51 10.87 -13.56
N GLU A 342 -28.78 11.23 -13.57
CA GLU A 342 -29.24 12.32 -12.74
C GLU A 342 -28.99 12.00 -11.27
N ALA A 343 -29.36 10.79 -10.86
CA ALA A 343 -29.18 10.35 -9.48
C ALA A 343 -27.69 10.27 -9.15
N ARG A 344 -26.94 9.62 -10.03
CA ARG A 344 -25.52 9.44 -9.85
C ARG A 344 -24.73 10.73 -9.65
N LYS A 345 -25.12 11.80 -10.33
CA LYS A 345 -24.39 13.06 -10.17
C LYS A 345 -24.35 13.47 -8.70
N TYR A 346 -25.44 13.20 -7.99
CA TYR A 346 -25.52 13.55 -6.57
C TYR A 346 -24.53 12.74 -5.75
N ILE A 347 -24.40 11.45 -6.05
CA ILE A 347 -23.47 10.62 -5.27
C ILE A 347 -22.03 11.01 -5.56
N LEU A 348 -21.76 11.48 -6.77
CA LEU A 348 -20.41 11.90 -7.13
C LEU A 348 -20.05 13.16 -6.30
N LYS A 349 -21.04 14.00 -6.05
CA LYS A 349 -20.81 15.21 -5.25
C LYS A 349 -20.55 14.82 -3.79
N ALA A 350 -21.13 13.71 -3.37
CA ALA A 350 -20.99 13.25 -1.99
C ALA A 350 -19.61 12.68 -1.72
N GLN A 351 -18.81 12.51 -2.76
CA GLN A 351 -17.48 11.95 -2.61
C GLN A 351 -16.41 13.00 -2.37
N CYS A 352 -16.81 14.27 -2.28
CA CYS A 352 -15.86 15.34 -1.99
C CYS A 352 -15.20 14.92 -0.66
N ASN A 353 -13.90 14.67 -0.71
CA ASN A 353 -13.11 14.14 0.40
C ASN A 353 -13.00 14.84 1.75
N ASP A 354 -12.96 16.16 1.75
CA ASP A 354 -12.76 16.93 2.97
C ASP A 354 -13.50 16.54 4.25
N ALA A 355 -14.81 16.35 4.18
CA ALA A 355 -15.58 15.99 5.36
C ALA A 355 -15.33 14.60 5.90
N TYR A 356 -14.59 13.78 5.15
CA TYR A 356 -14.31 12.41 5.59
C TYR A 356 -13.11 12.24 6.52
N TRP A 357 -12.29 13.28 6.66
CA TRP A 357 -11.11 13.18 7.52
C TRP A 357 -10.79 14.48 8.26
N HIS A 358 -9.76 14.42 9.09
CA HIS A 358 -9.39 15.59 9.88
C HIS A 358 -7.88 15.66 10.07
N GLY A 359 -7.29 16.77 9.63
CA GLY A 359 -5.87 16.97 9.78
C GLY A 359 -5.63 17.81 11.03
N VAL A 360 -5.26 19.06 10.84
CA VAL A 360 -4.98 19.96 11.96
C VAL A 360 -6.22 20.79 12.28
N PHE A 361 -7.09 20.94 11.28
CA PHE A 361 -8.31 21.72 11.42
C PHE A 361 -9.37 21.34 10.38
N GLY A 362 -10.62 21.61 10.74
CA GLY A 362 -11.75 21.38 9.86
C GLY A 362 -12.08 19.96 9.49
N GLY A 363 -12.35 19.76 8.21
CA GLY A 363 -12.70 18.44 7.72
C GLY A 363 -14.01 17.94 8.29
N ILE A 364 -14.00 16.69 8.71
CA ILE A 364 -15.20 16.09 9.26
C ILE A 364 -15.80 16.88 10.44
N TYR A 365 -14.99 17.75 11.05
CA TYR A 365 -15.48 18.53 12.20
C TYR A 365 -16.32 19.74 11.83
N LEU A 366 -16.41 20.06 10.55
CA LEU A 366 -17.23 21.19 10.11
C LEU A 366 -18.60 20.65 9.72
N PRO A 367 -19.64 20.97 10.49
CA PRO A 367 -20.98 20.47 10.16
C PRO A 367 -21.44 20.80 8.74
N HIS A 368 -21.11 21.99 8.25
CA HIS A 368 -21.54 22.37 6.92
C HIS A 368 -20.94 21.51 5.80
N LEU A 369 -19.73 21.00 6.02
CA LEU A 369 -19.09 20.13 5.03
C LEU A 369 -19.72 18.73 5.11
N ARG A 370 -20.02 18.31 6.33
CA ARG A 370 -20.61 16.99 6.59
C ARG A 370 -22.03 16.93 6.05
N ARG A 371 -22.85 17.93 6.38
CA ARG A 371 -24.23 17.93 5.93
C ARG A 371 -24.32 17.89 4.41
N THR A 372 -23.34 18.49 3.75
CA THR A 372 -23.33 18.53 2.30
C THR A 372 -23.10 17.14 1.70
N VAL A 373 -22.28 16.34 2.36
CA VAL A 373 -22.04 14.96 1.91
C VAL A 373 -23.35 14.20 2.10
N TRP A 374 -23.93 14.27 3.29
CA TRP A 374 -25.18 13.58 3.60
C TRP A 374 -26.31 14.03 2.70
N GLU A 375 -26.37 15.33 2.48
CA GLU A 375 -27.37 15.94 1.63
C GLU A 375 -27.35 15.22 0.29
N ASN A 376 -26.15 15.01 -0.24
CA ASN A 376 -26.00 14.34 -1.53
C ASN A 376 -26.24 12.82 -1.52
N ILE A 377 -25.89 12.16 -0.42
CA ILE A 377 -26.12 10.72 -0.34
C ILE A 377 -27.63 10.51 -0.43
N ILE A 378 -28.35 11.32 0.33
CA ILE A 378 -29.80 11.28 0.41
C ILE A 378 -30.51 11.57 -0.91
N LYS A 379 -30.07 12.61 -1.62
CA LYS A 379 -30.71 12.97 -2.88
C LYS A 379 -30.50 11.89 -3.94
N ALA A 380 -29.37 11.21 -3.90
CA ALA A 380 -29.10 10.15 -4.86
C ALA A 380 -30.01 8.96 -4.55
N GLN A 381 -30.07 8.61 -3.27
CA GLN A 381 -30.88 7.47 -2.84
C GLN A 381 -32.37 7.70 -3.01
N ARG A 382 -32.80 8.95 -2.90
CA ARG A 382 -34.21 9.27 -3.03
C ARG A 382 -34.79 8.80 -4.36
N TYR A 383 -33.92 8.56 -5.35
CA TYR A 383 -34.39 8.06 -6.63
C TYR A 383 -34.71 6.56 -6.59
N LEU A 384 -34.31 5.89 -5.51
CA LEU A 384 -34.56 4.47 -5.37
C LEU A 384 -35.85 4.16 -4.64
N LYS A 385 -36.36 2.96 -4.87
CA LYS A 385 -37.58 2.52 -4.22
C LYS A 385 -37.25 2.21 -2.75
N PRO A 386 -38.10 2.64 -1.82
CA PRO A 386 -37.85 2.36 -0.40
C PRO A 386 -37.88 0.83 -0.18
N GLU A 387 -36.99 0.35 0.67
CA GLU A 387 -36.96 -1.07 0.97
C GLU A 387 -36.17 -1.35 2.25
N ASN A 388 -36.82 -1.97 3.21
CA ASN A 388 -36.15 -2.28 4.46
C ASN A 388 -35.14 -3.39 4.20
N LYS A 389 -34.08 -3.42 4.99
CA LYS A 389 -33.06 -4.44 4.82
C LYS A 389 -32.14 -4.56 6.01
N ILE A 390 -31.61 -5.76 6.23
CA ILE A 390 -30.69 -6.01 7.33
C ILE A 390 -29.33 -6.35 6.70
N LEU A 391 -28.29 -5.65 7.14
CA LEU A 391 -26.96 -5.89 6.59
C LEU A 391 -25.93 -5.12 7.40
N ASP A 392 -24.68 -5.59 7.32
CA ASP A 392 -23.58 -4.96 8.03
C ASP A 392 -23.09 -3.83 7.11
N VAL A 393 -23.50 -2.60 7.40
CA VAL A 393 -23.10 -1.48 6.57
C VAL A 393 -21.66 -0.99 6.78
N ASP A 394 -21.30 -0.70 8.02
CA ASP A 394 -19.96 -0.21 8.35
C ASP A 394 -18.94 -1.30 8.65
N PHE A 395 -19.30 -2.54 8.36
CA PHE A 395 -18.44 -3.69 8.56
C PHE A 395 -17.81 -3.85 9.95
N ASP A 396 -18.63 -3.84 11.00
CA ASP A 396 -18.09 -4.05 12.33
C ASP A 396 -18.52 -5.44 12.79
N GLY A 397 -19.10 -6.20 11.87
CA GLY A 397 -19.53 -7.56 12.16
C GLY A 397 -20.91 -7.75 12.75
N ARG A 398 -21.73 -6.70 12.82
CA ARG A 398 -23.07 -6.82 13.36
C ARG A 398 -24.07 -5.99 12.57
N ALA A 399 -24.88 -6.68 11.77
CA ALA A 399 -25.88 -6.06 10.91
C ALA A 399 -26.64 -4.83 11.44
N GLU A 400 -26.94 -3.92 10.51
CA GLU A 400 -27.72 -2.72 10.80
C GLU A 400 -29.12 -3.00 10.29
N ILE A 401 -30.09 -2.23 10.76
CA ILE A 401 -31.46 -2.40 10.28
C ILE A 401 -31.87 -1.09 9.63
N MET A 402 -32.16 -1.14 8.33
CA MET A 402 -32.57 0.05 7.61
C MET A 402 -34.07 0.00 7.33
N VAL A 403 -34.80 0.90 7.98
CA VAL A 403 -36.24 0.99 7.81
C VAL A 403 -36.51 2.27 7.04
N GLU A 404 -37.33 2.20 6.00
CA GLU A 404 -37.60 3.39 5.25
C GLU A 404 -38.95 3.43 4.54
N ASN A 405 -39.51 4.63 4.49
CA ASN A 405 -40.78 4.86 3.83
C ASN A 405 -40.57 5.97 2.81
N ASP A 406 -41.64 6.62 2.38
CA ASP A 406 -41.51 7.68 1.38
C ASP A 406 -40.82 8.97 1.82
N GLY A 407 -40.69 9.19 3.13
CA GLY A 407 -40.06 10.42 3.58
C GLY A 407 -38.84 10.28 4.47
N PHE A 408 -38.50 9.06 4.87
CA PHE A 408 -37.36 8.85 5.76
C PHE A 408 -36.60 7.55 5.57
N ILE A 409 -35.36 7.56 6.03
CA ILE A 409 -34.47 6.41 6.01
C ILE A 409 -33.87 6.38 7.41
N ALA A 410 -34.16 5.32 8.16
CA ALA A 410 -33.63 5.19 9.50
C ALA A 410 -32.72 3.99 9.60
N THR A 411 -31.52 4.19 10.14
CA THR A 411 -30.60 3.08 10.30
C THR A 411 -30.41 2.83 11.78
N ILE A 412 -30.78 1.62 12.19
CA ILE A 412 -30.71 1.21 13.58
C ILE A 412 -29.58 0.23 13.82
N LYS A 413 -28.93 0.38 14.96
CA LYS A 413 -27.83 -0.51 15.37
C LYS A 413 -28.30 -1.23 16.61
N PRO A 414 -28.85 -2.44 16.44
CA PRO A 414 -29.34 -3.24 17.56
C PRO A 414 -28.23 -3.43 18.59
N HIS A 415 -27.04 -3.75 18.10
CA HIS A 415 -25.88 -3.98 18.94
C HIS A 415 -25.48 -2.81 19.86
N TYR A 416 -25.81 -1.58 19.47
CA TYR A 416 -25.44 -0.45 20.32
C TYR A 416 -26.65 0.29 20.85
N GLY A 417 -27.16 -0.18 21.98
CA GLY A 417 -28.31 0.44 22.61
C GLY A 417 -29.56 0.41 21.76
N GLY A 418 -29.57 -0.44 20.73
CA GLY A 418 -30.73 -0.53 19.85
C GLY A 418 -31.17 0.86 19.42
N SER A 419 -30.19 1.75 19.24
CA SER A 419 -30.47 3.13 18.86
C SER A 419 -30.52 3.39 17.36
N ILE A 420 -31.10 4.54 17.02
CA ILE A 420 -31.21 4.98 15.63
C ILE A 420 -29.96 5.80 15.38
N PHE A 421 -29.10 5.33 14.51
CA PHE A 421 -27.87 6.07 14.24
C PHE A 421 -28.01 6.97 13.03
N GLU A 422 -29.07 6.76 12.26
CA GLU A 422 -29.32 7.60 11.10
C GLU A 422 -30.79 7.84 10.84
N LEU A 423 -31.19 9.11 10.89
CA LEU A 423 -32.57 9.46 10.58
C LEU A 423 -32.50 10.51 9.47
N SER A 424 -32.52 10.05 8.22
CA SER A 424 -32.44 10.94 7.06
C SER A 424 -33.78 11.35 6.47
N SER A 425 -33.98 12.65 6.38
CA SER A 425 -35.20 13.23 5.81
C SER A 425 -35.04 13.36 4.32
N LYS A 426 -35.90 12.70 3.55
CA LYS A 426 -35.83 12.77 2.10
C LYS A 426 -36.28 14.14 1.58
N ARG A 427 -37.05 14.84 2.41
CA ARG A 427 -37.57 16.17 2.07
C ARG A 427 -36.51 17.26 2.28
N LYS A 428 -35.91 17.29 3.48
CA LYS A 428 -34.89 18.27 3.80
C LYS A 428 -33.48 17.83 3.39
N ALA A 429 -33.34 16.56 3.04
CA ALA A 429 -32.06 16.00 2.69
C ALA A 429 -31.04 16.23 3.82
N VAL A 430 -31.47 15.94 5.05
CA VAL A 430 -30.59 16.06 6.19
C VAL A 430 -30.68 14.80 7.01
N ASN A 431 -29.56 14.42 7.62
CA ASN A 431 -29.55 13.25 8.48
C ASN A 431 -29.65 13.90 9.84
N TYR A 432 -30.75 13.64 10.55
CA TYR A 432 -30.96 14.23 11.85
C TYR A 432 -29.88 13.88 12.89
N ASN A 433 -29.14 12.81 12.66
CA ASN A 433 -28.09 12.42 13.60
C ASN A 433 -26.68 12.73 13.07
N ASP A 434 -26.60 13.65 12.11
CA ASP A 434 -25.32 14.03 11.54
C ASP A 434 -24.54 14.84 12.57
N VAL A 435 -24.13 14.14 13.63
CA VAL A 435 -23.39 14.73 14.73
C VAL A 435 -22.12 13.91 15.01
N LEU A 436 -21.26 14.44 15.87
CA LEU A 436 -20.03 13.76 16.25
C LEU A 436 -19.92 13.77 17.76
N PRO A 437 -19.35 12.69 18.34
CA PRO A 437 -19.19 12.64 19.79
C PRO A 437 -17.93 13.42 20.14
N ARG A 438 -17.77 13.79 21.40
CA ARG A 438 -16.59 14.54 21.83
C ARG A 438 -15.42 13.58 22.10
N ARG A 439 -14.36 13.71 21.31
CA ARG A 439 -13.18 12.84 21.46
C ARG A 439 -11.89 13.60 21.67
N TRP A 440 -10.94 12.99 22.36
CA TRP A 440 -9.67 13.63 22.59
C TRP A 440 -8.89 13.47 21.28
N GLU A 441 -8.05 14.46 20.95
CA GLU A 441 -7.23 14.42 19.74
C GLU A 441 -5.78 14.54 20.23
N HIS A 442 -4.84 13.94 19.51
CA HIS A 442 -3.44 14.00 19.92
C HIS A 442 -2.91 15.41 20.14
N TYR A 443 -3.46 16.39 19.43
CA TYR A 443 -2.98 17.77 19.58
C TYR A 443 -3.65 18.56 20.72
N HIS A 444 -4.43 17.87 21.56
CA HIS A 444 -5.09 18.52 22.70
C HIS A 444 -4.15 18.53 23.90
N GLU A 445 -4.28 19.55 24.74
CA GLU A 445 -3.43 19.72 25.93
C GLU A 445 -2.04 20.19 25.53
N GLN A 469 -1.47 27.24 24.38
CA GLN A 469 -2.17 26.20 25.11
C GLN A 469 -3.67 26.50 25.22
N ILE A 470 -4.44 25.54 25.71
CA ILE A 470 -5.88 25.71 25.85
C ILE A 470 -6.23 26.67 27.00
N PRO A 471 -7.01 27.72 26.69
CA PRO A 471 -7.41 28.69 27.72
C PRO A 471 -8.32 28.09 28.79
N GLU A 472 -8.53 28.85 29.86
CA GLU A 472 -9.36 28.42 30.98
C GLU A 472 -10.85 28.41 30.63
N GLU A 473 -11.30 29.47 29.96
CA GLU A 473 -12.70 29.59 29.57
C GLU A 473 -13.20 28.38 28.79
N ILE A 474 -12.29 27.71 28.07
CA ILE A 474 -12.65 26.55 27.28
C ILE A 474 -12.48 25.22 28.03
N ARG A 475 -11.43 25.11 28.83
CA ARG A 475 -11.19 23.90 29.61
C ARG A 475 -12.39 23.48 30.45
N ARG A 476 -13.06 24.46 31.04
CA ARG A 476 -14.23 24.18 31.88
C ARG A 476 -15.42 23.65 31.10
N GLU A 477 -15.38 23.83 29.78
CA GLU A 477 -16.46 23.36 28.92
C GLU A 477 -16.06 22.10 28.15
N LEU A 478 -14.81 21.70 28.29
CA LEU A 478 -14.29 20.51 27.62
C LEU A 478 -14.72 19.23 28.32
N ALA A 479 -15.05 18.22 27.53
CA ALA A 479 -15.45 16.92 28.04
C ALA A 479 -15.37 15.95 26.87
N TYR A 480 -15.03 14.70 27.17
CA TYR A 480 -14.91 13.67 26.15
C TYR A 480 -15.92 12.57 26.44
N ASP A 481 -16.63 12.14 25.41
CA ASP A 481 -17.64 11.10 25.55
C ASP A 481 -17.11 9.69 25.58
N TRP A 482 -17.89 8.79 26.19
CA TRP A 482 -17.52 7.38 26.22
C TRP A 482 -18.61 6.70 25.38
N GLN A 483 -19.72 7.41 25.20
CA GLN A 483 -20.85 6.91 24.42
C GLN A 483 -20.79 7.50 23.02
N LEU A 484 -21.22 6.72 22.03
CA LEU A 484 -21.28 7.25 20.67
C LEU A 484 -22.56 8.07 20.79
N ARG A 485 -22.93 8.82 19.74
CA ARG A 485 -24.15 9.61 19.84
C ARG A 485 -25.14 9.25 18.78
N ALA A 486 -26.36 8.94 19.22
CA ALA A 486 -27.43 8.55 18.33
C ALA A 486 -28.80 9.01 18.84
N ILE A 487 -29.85 8.41 18.31
CA ILE A 487 -31.20 8.77 18.69
C ILE A 487 -31.89 7.61 19.40
N LEU A 488 -32.48 7.92 20.56
CA LEU A 488 -33.15 6.95 21.42
C LEU A 488 -32.07 6.19 22.19
N GLN A 489 -31.28 6.93 22.94
CA GLN A 489 -30.24 6.34 23.75
C GLN A 489 -30.75 6.30 25.19
N ASP A 490 -30.97 5.08 25.66
CA ASP A 490 -31.53 4.81 26.98
C ASP A 490 -30.56 4.89 28.17
N HIS A 491 -30.84 5.84 29.06
CA HIS A 491 -30.03 6.09 30.25
C HIS A 491 -30.73 5.73 31.56
N PHE A 492 -29.96 5.73 32.64
CA PHE A 492 -30.44 5.45 33.98
C PHE A 492 -29.60 6.27 34.96
N ILE A 493 -30.16 7.36 35.45
CA ILE A 493 -29.43 8.22 36.38
C ILE A 493 -30.14 8.40 37.72
N LYS A 494 -29.40 8.87 38.72
CA LYS A 494 -29.95 9.10 40.04
C LYS A 494 -30.78 10.39 40.04
N PRO A 495 -31.93 10.39 40.75
CA PRO A 495 -32.83 11.54 40.83
C PRO A 495 -32.11 12.85 41.17
N GLU A 496 -31.03 12.74 41.95
CA GLU A 496 -30.30 13.92 42.34
C GLU A 496 -29.15 14.25 41.39
N GLU A 497 -29.12 13.58 40.23
CA GLU A 497 -28.05 13.85 39.28
C GLU A 497 -28.27 15.24 38.67
N THR A 498 -27.18 15.94 38.38
CA THR A 498 -27.26 17.29 37.83
C THR A 498 -27.00 17.37 36.33
N LEU A 499 -27.53 18.43 35.71
CA LEU A 499 -27.38 18.64 34.29
C LEU A 499 -25.90 18.85 33.95
N ASP A 500 -25.22 19.68 34.75
CA ASP A 500 -23.80 19.95 34.52
C ASP A 500 -22.94 18.71 34.61
N ASN A 501 -23.32 17.77 35.47
CA ASN A 501 -22.56 16.52 35.60
C ASN A 501 -22.77 15.69 34.34
N TYR A 502 -24.00 15.71 33.86
CA TYR A 502 -24.41 14.97 32.67
C TYR A 502 -23.74 15.60 31.45
N ARG A 503 -23.92 16.92 31.34
CA ARG A 503 -23.36 17.72 30.26
C ARG A 503 -21.91 17.31 30.07
N LEU A 504 -21.12 17.51 31.13
CA LEU A 504 -19.73 17.09 31.09
C LEU A 504 -19.91 15.60 31.34
N VAL A 505 -18.89 14.79 31.14
CA VAL A 505 -19.12 13.37 31.35
C VAL A 505 -18.67 12.93 32.75
N LYS A 506 -19.36 13.46 33.76
CA LYS A 506 -19.08 13.19 35.16
C LYS A 506 -20.16 12.37 35.85
N TYR A 507 -21.40 12.57 35.44
CA TYR A 507 -22.55 11.88 36.03
C TYR A 507 -22.33 10.38 36.21
N HIS A 508 -23.22 9.77 36.99
CA HIS A 508 -23.15 8.34 37.26
C HIS A 508 -24.22 7.57 36.48
N GLU A 509 -23.81 6.91 35.39
CA GLU A 509 -24.74 6.15 34.57
C GLU A 509 -24.99 4.80 35.23
N LEU A 510 -26.16 4.66 35.84
CA LEU A 510 -26.53 3.44 36.54
C LEU A 510 -26.84 2.25 35.64
N GLY A 511 -27.32 2.50 34.43
CA GLY A 511 -27.65 1.42 33.52
C GLY A 511 -26.58 0.98 32.56
N ASP A 512 -26.80 -0.17 31.92
CA ASP A 512 -25.87 -0.71 30.94
C ASP A 512 -26.63 -0.89 29.61
N PHE A 513 -27.45 0.09 29.27
CA PHE A 513 -28.25 0.02 28.05
C PHE A 513 -27.80 0.94 26.92
N VAL A 514 -26.98 1.94 27.22
CA VAL A 514 -26.53 2.87 26.20
C VAL A 514 -25.62 2.23 25.15
N ASN A 515 -24.63 1.46 25.60
CA ASN A 515 -23.68 0.85 24.68
C ASN A 515 -23.67 -0.67 24.65
N GLN A 516 -24.79 -1.29 24.97
CA GLN A 516 -24.87 -2.74 24.95
C GLN A 516 -25.95 -3.21 23.98
N PRO A 517 -25.81 -4.44 23.46
CA PRO A 517 -26.77 -5.02 22.52
C PRO A 517 -28.24 -5.09 22.96
N TYR A 518 -29.12 -5.12 21.97
CA TYR A 518 -30.57 -5.21 22.16
C TYR A 518 -31.12 -6.26 21.22
N GLU A 519 -32.06 -7.05 21.72
CA GLU A 519 -32.70 -8.07 20.89
C GLU A 519 -33.71 -7.31 20.03
N TYR A 520 -34.07 -7.86 18.88
CA TYR A 520 -35.03 -7.16 18.03
C TYR A 520 -35.97 -8.09 17.29
N GLU A 521 -37.07 -7.51 16.81
CA GLU A 521 -38.07 -8.25 16.05
C GLU A 521 -38.64 -7.28 15.02
N MET A 522 -38.55 -7.64 13.75
CA MET A 522 -39.07 -6.77 12.71
C MET A 522 -40.60 -6.77 12.74
N ILE A 523 -41.18 -5.62 12.42
CA ILE A 523 -42.63 -5.50 12.38
C ILE A 523 -43.04 -4.64 11.19
N GLU A 524 -44.32 -4.36 11.07
CA GLU A 524 -44.81 -3.55 9.95
C GLU A 524 -44.43 -2.09 10.16
N ASN A 525 -43.51 -1.60 9.33
CA ASN A 525 -43.06 -0.20 9.40
C ASN A 525 -42.21 0.11 10.62
N GLY A 526 -41.47 -0.87 11.13
CA GLY A 526 -40.65 -0.63 12.30
C GLY A 526 -39.97 -1.84 12.89
N VAL A 527 -39.46 -1.69 14.11
CA VAL A 527 -38.78 -2.78 14.79
C VAL A 527 -39.04 -2.78 16.28
N LYS A 528 -39.16 -3.98 16.84
CA LYS A 528 -39.38 -4.14 18.26
C LYS A 528 -38.03 -4.49 18.87
N LEU A 529 -37.58 -3.65 19.80
CA LEU A 529 -36.28 -3.85 20.45
C LEU A 529 -36.46 -3.96 21.96
N TRP A 530 -35.64 -4.82 22.58
CA TRP A 530 -35.70 -5.02 24.02
C TRP A 530 -34.36 -5.54 24.53
N ARG A 531 -34.01 -5.19 25.78
CA ARG A 531 -32.75 -5.65 26.36
C ARG A 531 -32.85 -6.03 27.83
N GLU A 532 -32.23 -7.17 28.16
CA GLU A 532 -32.16 -7.66 29.52
C GLU A 532 -30.82 -7.21 30.10
N GLY A 533 -30.84 -6.16 30.90
CA GLY A 533 -29.61 -5.65 31.50
C GLY A 533 -29.77 -5.50 33.00
N GLY A 534 -29.39 -4.33 33.51
CA GLY A 534 -29.51 -4.09 34.94
C GLY A 534 -29.09 -2.69 35.35
N VAL A 535 -29.66 -2.20 36.44
CA VAL A 535 -29.33 -0.87 36.95
C VAL A 535 -28.35 -1.00 38.11
N TYR A 536 -27.06 -1.05 37.77
CA TYR A 536 -26.01 -1.19 38.75
C TYR A 536 -25.79 0.05 39.60
N ALA A 537 -26.25 0.01 40.84
CA ALA A 537 -26.09 1.13 41.76
C ALA A 537 -25.34 0.62 42.99
N GLU A 538 -26.10 0.18 43.98
CA GLU A 538 -25.51 -0.36 45.21
C GLU A 538 -25.51 -1.88 45.07
N GLU A 539 -26.25 -2.37 44.08
CA GLU A 539 -26.35 -3.79 43.79
C GLU A 539 -26.99 -3.92 42.41
N LYS A 540 -26.58 -4.94 41.66
CA LYS A 540 -27.15 -5.13 40.33
C LYS A 540 -28.64 -5.40 40.44
N ILE A 541 -29.44 -4.46 39.96
CA ILE A 541 -30.89 -4.61 39.98
C ILE A 541 -31.32 -4.83 38.54
N PRO A 542 -31.37 -6.10 38.10
CA PRO A 542 -31.77 -6.46 36.73
C PRO A 542 -32.95 -5.66 36.20
N ALA A 543 -32.81 -5.17 34.97
CA ALA A 543 -33.84 -4.37 34.33
C ALA A 543 -34.05 -4.79 32.87
N ARG A 544 -35.20 -4.43 32.31
CA ARG A 544 -35.55 -4.79 30.94
C ARG A 544 -36.18 -3.59 30.24
N VAL A 545 -35.51 -3.11 29.18
CA VAL A 545 -36.03 -1.97 28.43
C VAL A 545 -36.60 -2.44 27.10
N GLU A 546 -37.81 -1.97 26.81
CA GLU A 546 -38.50 -2.31 25.57
C GLU A 546 -38.82 -1.03 24.81
N LYS A 547 -38.64 -1.06 23.50
CA LYS A 547 -38.93 0.09 22.66
C LYS A 547 -39.46 -0.38 21.31
N LYS A 548 -40.64 0.12 20.96
CA LYS A 548 -41.28 -0.23 19.69
C LYS A 548 -41.13 0.99 18.77
N ILE A 549 -40.23 0.89 17.80
CA ILE A 549 -39.98 1.99 16.87
C ILE A 549 -40.71 1.80 15.55
N GLU A 550 -41.53 2.78 15.20
CA GLU A 550 -42.28 2.71 13.95
C GLU A 550 -42.16 4.02 13.17
N LEU A 551 -41.87 3.90 11.89
CA LEU A 551 -41.75 5.07 11.03
C LEU A 551 -43.14 5.61 10.72
N THR A 552 -43.26 6.93 10.75
CA THR A 552 -44.51 7.60 10.45
C THR A 552 -44.22 8.48 9.24
N GLU A 553 -45.26 9.08 8.67
CA GLU A 553 -45.05 9.90 7.48
C GLU A 553 -44.28 11.19 7.75
N ASP A 554 -44.17 11.58 9.01
CA ASP A 554 -43.47 12.81 9.35
C ASP A 554 -42.40 12.57 10.42
N GLY A 555 -41.95 11.33 10.52
CA GLY A 555 -40.93 11.01 11.49
C GLY A 555 -41.03 9.59 12.00
N PHE A 556 -41.12 9.44 13.32
CA PHE A 556 -41.23 8.12 13.92
C PHE A 556 -41.84 8.23 15.31
N ILE A 557 -42.25 7.10 15.85
CA ILE A 557 -42.82 7.05 17.18
C ILE A 557 -42.23 5.85 17.88
N ALA A 558 -41.89 6.03 19.16
CA ALA A 558 -41.30 4.96 19.95
C ALA A 558 -42.06 4.75 21.26
N LYS A 559 -42.62 3.56 21.44
CA LYS A 559 -43.35 3.22 22.65
C LYS A 559 -42.42 2.47 23.59
N TYR A 560 -42.10 3.09 24.73
CA TYR A 560 -41.21 2.50 25.71
C TYR A 560 -41.93 1.83 26.86
N ARG A 561 -41.27 0.83 27.45
CA ARG A 561 -41.80 0.10 28.59
C ARG A 561 -40.62 -0.41 29.41
N VAL A 562 -40.19 0.40 30.38
CA VAL A 562 -39.07 0.06 31.25
C VAL A 562 -39.58 -0.75 32.44
N LEU A 563 -38.84 -1.80 32.82
CA LEU A 563 -39.25 -2.65 33.93
C LEU A 563 -38.10 -3.04 34.84
N LEU A 564 -38.30 -2.89 36.15
CA LEU A 564 -37.29 -3.26 37.14
C LEU A 564 -37.72 -4.53 37.86
N GLU A 565 -36.75 -5.29 38.35
CA GLU A 565 -37.04 -6.54 39.05
C GLU A 565 -37.36 -6.28 40.53
N LYS A 566 -36.77 -5.20 41.06
CA LYS A 566 -36.97 -4.82 42.44
C LYS A 566 -37.04 -3.30 42.54
N PRO A 567 -37.90 -2.78 43.44
CA PRO A 567 -38.08 -1.34 43.66
C PRO A 567 -36.78 -0.58 43.88
N TYR A 568 -36.67 0.59 43.26
CA TYR A 568 -35.49 1.45 43.37
C TYR A 568 -35.74 2.80 42.70
N LYS A 569 -35.87 3.86 43.49
CA LYS A 569 -36.08 5.19 42.94
C LYS A 569 -34.95 5.55 42.00
N ALA A 570 -35.30 6.07 40.83
CA ALA A 570 -34.30 6.45 39.83
C ALA A 570 -34.93 7.26 38.72
N LEU A 571 -34.12 7.57 37.70
CA LEU A 571 -34.59 8.35 36.56
C LEU A 571 -34.20 7.69 35.25
N PHE A 572 -35.19 7.28 34.48
CA PHE A 572 -34.91 6.70 33.17
C PHE A 572 -34.97 7.82 32.15
N GLY A 573 -33.97 7.90 31.28
CA GLY A 573 -33.96 8.96 30.29
C GLY A 573 -33.76 8.49 28.86
N VAL A 574 -34.51 9.09 27.94
CA VAL A 574 -34.39 8.75 26.53
C VAL A 574 -33.65 9.93 25.92
N GLU A 575 -32.48 9.67 25.37
CA GLU A 575 -31.69 10.74 24.76
C GLU A 575 -31.84 10.77 23.25
N ILE A 576 -31.96 11.98 22.72
CA ILE A 576 -32.10 12.19 21.29
C ILE A 576 -31.14 13.28 20.85
N ASN A 577 -30.08 12.88 20.16
CA ASN A 577 -29.10 13.84 19.67
C ASN A 577 -29.64 14.36 18.34
N LEU A 578 -29.42 15.63 18.06
CA LEU A 578 -29.90 16.25 16.83
C LEU A 578 -28.83 17.11 16.19
N ALA A 579 -28.73 17.04 14.87
CA ALA A 579 -27.73 17.81 14.14
C ALA A 579 -28.05 19.31 14.10
N VAL A 580 -28.37 19.88 15.26
CA VAL A 580 -28.68 21.30 15.35
C VAL A 580 -27.39 22.07 15.12
N HIS A 581 -27.34 22.85 14.04
CA HIS A 581 -26.15 23.57 13.69
C HIS A 581 -26.21 25.08 13.86
N SER A 582 -27.33 25.68 13.45
CA SER A 582 -27.48 27.13 13.53
C SER A 582 -28.22 27.56 14.79
N VAL A 583 -27.90 26.93 15.91
CA VAL A 583 -28.53 27.28 17.17
C VAL A 583 -27.51 27.17 18.31
N MET A 584 -26.77 28.25 18.54
CA MET A 584 -25.78 28.24 19.61
C MET A 584 -26.54 28.06 20.91
N GLU A 585 -26.96 26.83 21.14
CA GLU A 585 -27.72 26.46 22.33
C GLU A 585 -26.80 26.36 23.53
N LYS A 586 -27.40 26.49 24.72
CA LYS A 586 -26.70 26.42 25.99
C LYS A 586 -27.44 25.45 26.92
N PRO A 587 -26.73 24.93 27.95
CA PRO A 587 -27.34 24.00 28.91
C PRO A 587 -28.71 24.49 29.37
N GLU A 588 -29.69 23.59 29.41
CA GLU A 588 -31.02 23.97 29.83
C GLU A 588 -31.86 22.78 30.27
N GLU A 589 -32.54 22.93 31.40
CA GLU A 589 -33.40 21.86 31.90
C GLU A 589 -34.78 22.47 32.11
N PHE A 590 -35.80 21.78 31.65
CA PHE A 590 -37.15 22.29 31.81
C PHE A 590 -38.21 21.20 31.84
N GLU A 591 -39.42 21.60 32.23
CA GLU A 591 -40.55 20.69 32.32
C GLU A 591 -41.28 20.76 30.98
N ALA A 592 -41.58 19.61 30.38
CA ALA A 592 -42.26 19.60 29.09
C ALA A 592 -42.90 18.27 28.69
N LYS A 593 -44.00 18.38 27.95
CA LYS A 593 -44.72 17.22 27.45
C LYS A 593 -44.48 17.18 25.94
N GLU A 594 -44.25 18.35 25.38
CA GLU A 594 -43.99 18.51 23.96
C GLU A 594 -43.18 19.78 23.77
N PHE A 595 -42.16 19.73 22.91
CA PHE A 595 -41.36 20.92 22.65
C PHE A 595 -40.86 20.94 21.21
N GLU A 596 -40.62 22.15 20.71
CA GLU A 596 -40.19 22.33 19.34
C GLU A 596 -38.75 22.80 19.23
N VAL A 597 -38.11 22.49 18.10
CA VAL A 597 -36.74 22.90 17.84
C VAL A 597 -36.71 23.55 16.45
N ASN A 598 -36.20 24.78 16.37
CA ASN A 598 -36.13 25.48 15.09
C ASN A 598 -34.70 25.82 14.70
N ASP A 599 -34.13 25.01 13.82
CA ASP A 599 -32.76 25.17 13.35
C ASP A 599 -32.79 25.50 11.86
N PRO A 600 -33.04 26.77 11.52
CA PRO A 600 -33.13 27.26 10.13
C PRO A 600 -32.06 26.84 9.13
N TYR A 601 -30.79 26.96 9.48
CA TYR A 601 -29.73 26.59 8.55
C TYR A 601 -29.26 25.15 8.67
N GLY A 602 -29.87 24.39 9.57
CA GLY A 602 -29.48 23.00 9.76
C GLY A 602 -30.59 22.00 9.52
N ILE A 603 -31.06 21.38 10.59
CA ILE A 603 -32.10 20.37 10.51
C ILE A 603 -33.52 20.92 10.37
N GLY A 604 -33.66 22.25 10.37
CA GLY A 604 -34.96 22.88 10.25
C GLY A 604 -35.82 22.83 11.51
N LYS A 605 -37.12 22.62 11.29
CA LYS A 605 -38.10 22.56 12.38
C LYS A 605 -38.52 21.13 12.70
N VAL A 606 -38.52 20.79 13.99
CA VAL A 606 -38.94 19.47 14.41
C VAL A 606 -39.63 19.58 15.77
N ARG A 607 -40.46 18.60 16.10
CA ARG A 607 -41.12 18.63 17.39
C ARG A 607 -41.01 17.28 18.05
N ILE A 608 -40.81 17.30 19.36
CA ILE A 608 -40.73 16.08 20.12
C ILE A 608 -41.95 16.10 21.04
N GLU A 609 -42.78 15.07 20.89
CA GLU A 609 -43.99 14.97 21.68
C GLU A 609 -43.97 13.74 22.56
N LEU A 610 -44.41 13.93 23.80
CA LEU A 610 -44.47 12.86 24.78
C LEU A 610 -45.95 12.73 25.17
N ASP A 611 -46.35 11.55 25.64
CA ASP A 611 -47.73 11.36 26.07
C ASP A 611 -47.77 11.65 27.56
N LYS A 612 -46.61 11.90 28.14
CA LYS A 612 -46.48 12.20 29.55
C LYS A 612 -45.32 13.17 29.74
N ALA A 613 -45.54 14.22 30.54
CA ALA A 613 -44.49 15.21 30.77
C ALA A 613 -43.24 14.57 31.33
N ALA A 614 -42.11 15.27 31.16
CA ALA A 614 -40.83 14.77 31.65
C ALA A 614 -39.84 15.91 31.84
N LYS A 615 -38.73 15.59 32.52
CA LYS A 615 -37.67 16.56 32.77
C LYS A 615 -36.76 16.52 31.55
N VAL A 616 -36.71 17.63 30.81
CA VAL A 616 -35.88 17.70 29.64
C VAL A 616 -34.52 18.32 29.91
N TRP A 617 -33.47 17.57 29.58
CA TRP A 617 -32.09 18.02 29.73
C TRP A 617 -31.52 18.29 28.35
N LYS A 618 -31.09 19.52 28.13
CA LYS A 618 -30.54 19.94 26.85
C LYS A 618 -29.15 20.55 26.96
N PHE A 619 -28.29 20.24 25.99
CA PHE A 619 -26.95 20.80 25.98
C PHE A 619 -26.27 20.63 24.63
N PRO A 620 -25.49 21.63 24.20
CA PRO A 620 -24.81 21.55 22.91
C PRO A 620 -23.59 20.62 22.99
N ILE A 621 -23.32 19.92 21.90
CA ILE A 621 -22.19 19.01 21.83
C ILE A 621 -21.05 19.86 21.29
N LYS A 622 -20.11 20.22 22.16
CA LYS A 622 -18.97 21.07 21.81
C LYS A 622 -17.68 20.30 21.50
N THR A 623 -17.07 20.66 20.38
CA THR A 623 -15.85 20.00 19.94
C THR A 623 -14.70 21.00 19.88
N LEU A 624 -13.51 20.57 20.29
CA LEU A 624 -12.34 21.45 20.28
C LEU A 624 -11.78 21.69 18.88
N SER A 625 -11.64 22.96 18.52
CA SER A 625 -11.12 23.35 17.21
C SER A 625 -9.94 24.32 17.31
N GLN A 626 -8.78 23.90 16.80
CA GLN A 626 -7.60 24.77 16.86
C GLN A 626 -7.39 25.63 15.63
N SER A 627 -7.12 26.91 15.89
CA SER A 627 -6.86 27.87 14.84
C SER A 627 -5.66 28.70 15.30
N GLU A 628 -5.21 29.63 14.47
CA GLU A 628 -4.08 30.47 14.86
C GLU A 628 -4.62 31.55 15.78
N ALA A 629 -5.94 31.69 15.77
CA ALA A 629 -6.64 32.67 16.61
C ALA A 629 -6.96 32.02 17.95
N GLY A 630 -6.12 31.07 18.34
CA GLY A 630 -6.32 30.37 19.60
C GLY A 630 -7.27 29.19 19.46
N TRP A 631 -7.73 28.68 20.60
CA TRP A 631 -8.64 27.55 20.62
C TRP A 631 -10.10 28.01 20.61
N ASP A 632 -10.94 27.25 19.92
CA ASP A 632 -12.36 27.55 19.81
C ASP A 632 -13.21 26.31 19.98
N PHE A 633 -14.52 26.49 19.85
CA PHE A 633 -15.49 25.42 19.97
C PHE A 633 -16.43 25.36 18.78
N ILE A 634 -16.73 24.16 18.32
CA ILE A 634 -17.68 23.96 17.22
C ILE A 634 -18.85 23.13 17.74
N GLN A 635 -20.06 23.65 17.62
CA GLN A 635 -21.25 22.92 18.07
C GLN A 635 -21.60 21.88 17.03
N GLN A 636 -21.43 20.61 17.37
CA GLN A 636 -21.71 19.51 16.47
C GLN A 636 -23.16 19.07 16.45
N GLY A 637 -23.91 19.55 17.43
CA GLY A 637 -25.31 19.19 17.54
C GLY A 637 -25.78 19.44 18.96
N VAL A 638 -26.98 18.99 19.27
CA VAL A 638 -27.51 19.18 20.61
C VAL A 638 -28.19 17.90 21.09
N SER A 639 -27.96 17.59 22.37
CA SER A 639 -28.54 16.41 23.00
C SER A 639 -29.78 16.76 23.82
N TYR A 640 -30.85 15.99 23.62
CA TYR A 640 -32.09 16.21 24.36
C TYR A 640 -32.42 14.92 25.08
N THR A 641 -32.42 14.99 26.41
CA THR A 641 -32.74 13.82 27.22
C THR A 641 -34.01 14.04 28.02
N MET A 642 -35.00 13.19 27.77
CA MET A 642 -36.29 13.27 28.47
C MET A 642 -36.28 12.31 29.64
N LEU A 643 -36.19 12.86 30.85
CA LEU A 643 -36.15 12.06 32.07
C LEU A 643 -37.51 11.80 32.69
N PHE A 644 -37.77 10.54 33.02
CA PHE A 644 -39.00 10.12 33.65
C PHE A 644 -38.63 9.34 34.91
N PRO A 645 -39.22 9.69 36.07
CA PRO A 645 -38.87 8.95 37.28
C PRO A 645 -39.35 7.51 37.18
N ILE A 646 -38.66 6.60 37.86
CA ILE A 646 -39.01 5.19 37.85
C ILE A 646 -38.61 4.50 39.14
N GLU A 647 -39.46 3.58 39.60
CA GLU A 647 -39.20 2.82 40.81
C GLU A 647 -39.44 1.33 40.55
N LYS A 648 -40.40 1.04 39.67
CA LYS A 648 -40.72 -0.35 39.35
C LYS A 648 -41.22 -0.47 37.92
N GLU A 649 -42.25 0.30 37.60
CA GLU A 649 -42.85 0.29 36.28
C GLU A 649 -42.79 1.66 35.62
N LEU A 650 -42.49 1.68 34.33
CA LEU A 650 -42.43 2.93 33.56
C LEU A 650 -42.93 2.68 32.13
N GLU A 651 -43.90 3.48 31.70
CA GLU A 651 -44.45 3.36 30.36
C GLU A 651 -44.74 4.72 29.76
N PHE A 652 -44.24 4.94 28.54
CA PHE A 652 -44.45 6.22 27.85
C PHE A 652 -44.18 6.09 26.35
N THR A 653 -44.51 7.14 25.62
CA THR A 653 -44.30 7.16 24.18
C THR A 653 -43.65 8.47 23.74
N VAL A 654 -42.65 8.34 22.86
CA VAL A 654 -41.96 9.52 22.33
C VAL A 654 -42.25 9.61 20.84
N ARG A 655 -42.44 10.82 20.37
CA ARG A 655 -42.70 11.01 18.96
C ARG A 655 -41.87 12.16 18.37
N PHE A 656 -41.15 11.83 17.31
CA PHE A 656 -40.32 12.80 16.62
C PHE A 656 -41.13 13.24 15.41
N ARG A 657 -41.27 14.54 15.21
CA ARG A 657 -42.04 15.01 14.08
C ARG A 657 -41.29 16.07 13.29
N GLU A 658 -41.28 15.88 11.98
CA GLU A 658 -40.64 16.80 11.06
C GLU A 658 -41.65 17.85 10.62
N LEU A 659 -41.31 19.12 10.85
CA LEU A 659 -42.17 20.21 10.46
C LEU A 659 -41.49 20.89 9.27
N GLU B 2 -14.08 -18.05 32.52
CA GLU B 2 -13.35 -17.19 31.55
C GLU B 2 -12.29 -17.99 30.79
N ARG B 3 -12.31 -17.89 29.46
CA ARG B 3 -11.37 -18.60 28.60
C ARG B 3 -10.78 -17.73 27.50
N ILE B 4 -10.01 -18.37 26.62
CA ILE B 4 -9.37 -17.70 25.50
C ILE B 4 -9.34 -18.71 24.35
N ASN B 5 -9.75 -18.29 23.17
CA ASN B 5 -9.74 -19.16 22.00
C ASN B 5 -8.31 -19.12 21.51
N PHE B 6 -7.83 -20.26 20.99
CA PHE B 6 -6.47 -20.35 20.48
C PHE B 6 -6.44 -21.12 19.17
N ILE B 7 -5.76 -20.54 18.19
CA ILE B 7 -5.63 -21.15 16.88
C ILE B 7 -4.14 -21.38 16.61
N PHE B 8 -3.80 -22.62 16.28
CA PHE B 8 -2.43 -23.00 16.00
C PHE B 8 -2.33 -23.36 14.51
N GLY B 9 -1.28 -22.85 13.88
CA GLY B 9 -1.08 -23.11 12.46
C GLY B 9 0.38 -23.06 12.05
N ILE B 10 0.69 -23.68 10.92
CA ILE B 10 2.05 -23.68 10.39
C ILE B 10 2.00 -23.49 8.88
N HIS B 11 3.14 -23.09 8.33
CA HIS B 11 3.26 -22.83 6.91
C HIS B 11 4.46 -23.64 6.37
N ASN B 12 4.19 -24.72 5.66
CA ASN B 12 5.27 -25.56 5.11
C ASN B 12 5.54 -25.25 3.65
N HIS B 13 6.78 -24.88 3.35
CA HIS B 13 7.16 -24.56 1.99
C HIS B 13 8.62 -24.84 1.67
N GLN B 14 8.85 -25.12 0.40
CA GLN B 14 10.17 -25.40 -0.15
C GLN B 14 10.07 -24.85 -1.57
N PRO B 15 10.98 -23.95 -1.96
CA PRO B 15 10.95 -23.38 -3.31
C PRO B 15 11.15 -24.33 -4.50
N LEU B 16 10.50 -24.02 -5.61
CA LEU B 16 10.62 -24.84 -6.83
C LEU B 16 12.06 -24.84 -7.32
N GLY B 17 12.62 -26.02 -7.53
CA GLY B 17 13.99 -26.10 -8.01
C GLY B 17 14.99 -26.31 -6.90
N ASN B 18 14.50 -26.35 -5.67
CA ASN B 18 15.34 -26.56 -4.50
C ASN B 18 15.91 -27.98 -4.61
N PHE B 19 17.14 -28.17 -4.17
CA PHE B 19 17.78 -29.50 -4.22
C PHE B 19 16.82 -30.56 -3.69
N GLY B 20 16.82 -31.72 -4.34
CA GLY B 20 15.95 -32.80 -3.94
C GLY B 20 16.18 -33.28 -2.51
N TRP B 21 17.44 -33.28 -2.08
CA TRP B 21 17.75 -33.75 -0.74
C TRP B 21 17.26 -32.77 0.34
N VAL B 22 17.24 -31.47 0.00
CA VAL B 22 16.78 -30.48 0.94
C VAL B 22 15.34 -30.81 1.28
N PHE B 23 14.54 -31.07 0.25
CA PHE B 23 13.15 -31.44 0.49
C PHE B 23 13.15 -32.64 1.42
N GLU B 24 14.02 -33.61 1.11
CA GLU B 24 14.15 -34.85 1.88
C GLU B 24 14.36 -34.58 3.36
N GLU B 25 15.40 -33.82 3.68
CA GLU B 25 15.71 -33.50 5.07
C GLU B 25 14.52 -32.78 5.73
N ALA B 26 14.06 -31.68 5.14
CA ALA B 26 12.94 -30.94 5.70
C ALA B 26 11.77 -31.85 5.99
N TYR B 27 11.62 -32.88 5.16
CA TYR B 27 10.53 -33.83 5.33
C TYR B 27 10.73 -34.74 6.54
N ASN B 28 11.94 -35.27 6.71
CA ASN B 28 12.21 -36.17 7.83
C ASN B 28 12.41 -35.44 9.15
N ARG B 29 12.93 -34.22 9.10
CA ARG B 29 13.18 -33.44 10.31
C ARG B 29 12.01 -32.58 10.78
N SER B 30 11.01 -32.38 9.93
CA SER B 30 9.86 -31.55 10.32
C SER B 30 8.48 -31.99 9.86
N TYR B 31 8.22 -31.87 8.55
CA TYR B 31 6.92 -32.22 7.98
C TYR B 31 6.39 -33.55 8.49
N ARG B 32 7.24 -34.57 8.47
CA ARG B 32 6.89 -35.90 8.92
C ARG B 32 6.74 -36.01 10.44
N PRO B 33 7.79 -35.64 11.19
CA PRO B 33 7.72 -35.71 12.66
C PRO B 33 6.51 -34.99 13.24
N PHE B 34 6.34 -33.74 12.84
CA PHE B 34 5.24 -32.91 13.31
C PHE B 34 3.89 -33.63 13.18
N MET B 35 3.61 -34.13 11.99
CA MET B 35 2.35 -34.81 11.72
C MET B 35 2.18 -36.17 12.41
N GLU B 36 3.30 -36.85 12.67
CA GLU B 36 3.24 -38.13 13.35
C GLU B 36 2.79 -37.87 14.78
N ILE B 37 3.38 -36.86 15.40
CA ILE B 37 3.03 -36.49 16.77
C ILE B 37 1.60 -35.95 16.86
N LEU B 38 1.16 -35.26 15.82
CA LEU B 38 -0.19 -34.71 15.81
C LEU B 38 -1.18 -35.86 15.83
N GLU B 39 -0.83 -36.93 15.15
CA GLU B 39 -1.68 -38.12 15.08
C GLU B 39 -1.97 -38.64 16.50
N GLU B 40 -0.98 -38.49 17.39
CA GLU B 40 -1.11 -38.95 18.76
C GLU B 40 -2.16 -38.24 19.63
N PHE B 41 -2.47 -36.98 19.31
CA PHE B 41 -3.45 -36.23 20.10
C PHE B 41 -4.69 -35.82 19.33
N PRO B 42 -5.72 -36.69 19.32
CA PRO B 42 -6.99 -36.46 18.64
C PRO B 42 -7.66 -35.11 18.91
N GLU B 43 -7.42 -34.54 20.08
CA GLU B 43 -8.04 -33.26 20.43
C GLU B 43 -7.34 -32.07 19.80
N MET B 44 -6.11 -32.29 19.34
CA MET B 44 -5.33 -31.22 18.75
C MET B 44 -5.82 -30.80 17.36
N LYS B 45 -5.90 -29.48 17.16
CA LYS B 45 -6.34 -28.89 15.90
C LYS B 45 -5.22 -28.01 15.37
N VAL B 46 -4.84 -28.23 14.11
CA VAL B 46 -3.78 -27.45 13.46
C VAL B 46 -4.25 -26.91 12.11
N ASN B 47 -3.89 -25.67 11.81
CA ASN B 47 -4.26 -25.03 10.56
C ASN B 47 -2.98 -24.97 9.74
N VAL B 48 -2.91 -25.81 8.71
CA VAL B 48 -1.70 -25.90 7.92
C VAL B 48 -1.79 -25.49 6.47
N HIS B 49 -0.73 -24.83 6.02
CA HIS B 49 -0.63 -24.44 4.64
C HIS B 49 0.53 -25.19 4.02
N PHE B 50 0.22 -26.02 3.03
CA PHE B 50 1.24 -26.77 2.30
C PHE B 50 1.34 -26.07 0.94
N SER B 51 2.53 -25.64 0.57
CA SER B 51 2.71 -24.96 -0.71
C SER B 51 2.77 -25.97 -1.85
N GLY B 52 2.39 -25.50 -3.04
CA GLY B 52 2.38 -26.35 -4.23
C GLY B 52 3.68 -27.07 -4.50
N PRO B 53 4.81 -26.35 -4.62
CA PRO B 53 6.09 -27.01 -4.89
C PRO B 53 6.35 -28.16 -3.93
N LEU B 54 6.08 -27.91 -2.64
CA LEU B 54 6.29 -28.90 -1.60
C LEU B 54 5.34 -30.07 -1.74
N LEU B 55 4.07 -29.76 -2.01
CA LEU B 55 3.05 -30.79 -2.17
C LEU B 55 3.29 -31.69 -3.37
N GLU B 56 3.93 -31.16 -4.41
CA GLU B 56 4.18 -31.97 -5.59
C GLU B 56 5.28 -32.98 -5.31
N TRP B 57 6.25 -32.55 -4.50
CA TRP B 57 7.36 -33.41 -4.12
C TRP B 57 6.83 -34.57 -3.30
N ILE B 58 6.01 -34.25 -2.30
CA ILE B 58 5.44 -35.26 -1.43
C ILE B 58 4.60 -36.27 -2.19
N GLU B 59 3.68 -35.80 -3.01
CA GLU B 59 2.82 -36.69 -3.77
C GLU B 59 3.64 -37.63 -4.65
N GLU B 60 4.83 -37.20 -5.02
CA GLU B 60 5.71 -38.00 -5.88
C GLU B 60 6.55 -38.97 -5.05
N ASN B 61 7.21 -38.45 -4.03
CA ASN B 61 8.07 -39.26 -3.18
C ASN B 61 7.42 -39.94 -1.98
N LYS B 62 6.76 -39.17 -1.13
CA LYS B 62 6.11 -39.72 0.05
C LYS B 62 4.59 -39.69 -0.04
N PRO B 63 4.01 -40.38 -1.03
CA PRO B 63 2.55 -40.40 -1.20
C PRO B 63 1.72 -40.88 -0.01
N ASP B 64 2.32 -41.66 0.89
CA ASP B 64 1.56 -42.14 2.05
C ASP B 64 1.26 -40.99 3.00
N TYR B 65 2.10 -39.96 2.95
CA TYR B 65 1.94 -38.78 3.79
C TYR B 65 0.57 -38.16 3.54
N LEU B 66 0.19 -38.10 2.27
CA LEU B 66 -1.09 -37.52 1.88
C LEU B 66 -2.26 -38.27 2.51
N ASP B 67 -2.10 -39.58 2.68
CA ASP B 67 -3.14 -40.41 3.29
C ASP B 67 -3.26 -40.04 4.76
N LEU B 68 -2.12 -39.76 5.39
CA LEU B 68 -2.11 -39.36 6.79
C LEU B 68 -2.86 -38.03 6.92
N LEU B 69 -2.67 -37.15 5.95
CA LEU B 69 -3.33 -35.84 5.96
C LEU B 69 -4.82 -36.01 5.73
N ARG B 70 -5.20 -36.95 4.88
CA ARG B 70 -6.63 -37.17 4.62
C ARG B 70 -7.32 -37.70 5.89
N SER B 71 -6.56 -38.44 6.70
CA SER B 71 -7.11 -38.99 7.94
C SER B 71 -7.28 -37.89 8.97
N LEU B 72 -6.20 -37.17 9.23
CA LEU B 72 -6.21 -36.07 10.19
C LEU B 72 -7.30 -35.06 9.83
N ILE B 73 -7.53 -34.87 8.54
CA ILE B 73 -8.55 -33.94 8.08
C ILE B 73 -9.92 -34.52 8.40
N LYS B 74 -10.13 -35.78 8.05
CA LYS B 74 -11.41 -36.43 8.27
C LYS B 74 -11.77 -36.51 9.75
N ARG B 75 -10.77 -36.49 10.64
CA ARG B 75 -11.06 -36.56 12.07
C ARG B 75 -11.13 -35.18 12.73
N GLY B 76 -11.22 -34.14 11.90
CA GLY B 76 -11.32 -32.78 12.41
C GLY B 76 -10.07 -32.17 13.03
N GLN B 77 -8.90 -32.71 12.68
CA GLN B 77 -7.65 -32.21 13.24
C GLN B 77 -6.89 -31.29 12.30
N LEU B 78 -7.28 -31.28 11.02
CA LEU B 78 -6.58 -30.45 10.06
C LEU B 78 -7.41 -29.57 9.15
N GLU B 79 -7.12 -28.28 9.17
CA GLU B 79 -7.77 -27.35 8.28
C GLU B 79 -6.67 -27.00 7.29
N ILE B 80 -6.94 -27.19 6.00
CA ILE B 80 -5.96 -26.87 4.98
C ILE B 80 -6.10 -25.41 4.60
N VAL B 81 -5.00 -24.67 4.67
CA VAL B 81 -5.02 -23.27 4.33
C VAL B 81 -4.31 -23.18 3.01
N VAL B 82 -4.83 -22.38 2.08
CA VAL B 82 -4.19 -22.29 0.77
C VAL B 82 -3.54 -20.94 0.51
N ALA B 83 -3.22 -20.70 -0.76
CA ALA B 83 -2.55 -19.48 -1.22
C ALA B 83 -2.31 -19.71 -2.72
N GLY B 84 -1.27 -19.08 -3.26
CA GLY B 84 -0.93 -19.29 -4.65
C GLY B 84 -0.20 -20.61 -4.76
N PHE B 85 -0.72 -21.54 -5.55
CA PHE B 85 -0.10 -22.87 -5.68
C PHE B 85 1.41 -22.89 -5.75
N TYR B 86 2.00 -22.24 -6.73
CA TYR B 86 3.46 -22.25 -6.85
C TYR B 86 4.16 -21.24 -5.96
N GLU B 87 3.49 -20.89 -4.85
CA GLU B 87 4.00 -19.94 -3.85
C GLU B 87 4.48 -18.59 -4.42
N PRO B 88 3.60 -17.88 -5.14
CA PRO B 88 4.01 -16.59 -5.67
C PRO B 88 3.60 -15.49 -4.70
N VAL B 89 4.26 -14.35 -4.78
CA VAL B 89 3.84 -13.20 -3.97
C VAL B 89 2.68 -12.75 -4.85
N LEU B 90 1.46 -13.01 -4.40
CA LEU B 90 0.26 -12.67 -5.15
C LEU B 90 0.21 -11.27 -5.74
N ALA B 91 0.72 -10.29 -5.01
CA ALA B 91 0.70 -8.92 -5.52
C ALA B 91 1.70 -8.70 -6.65
N ALA B 92 2.50 -9.74 -6.94
CA ALA B 92 3.50 -9.62 -7.99
C ALA B 92 3.23 -10.42 -9.26
N ILE B 93 1.99 -10.91 -9.42
CA ILE B 93 1.61 -11.63 -10.63
C ILE B 93 0.28 -11.03 -11.10
N PRO B 94 -0.03 -11.15 -12.41
CA PRO B 94 -1.29 -10.62 -12.97
C PRO B 94 -2.50 -11.13 -12.19
N LYS B 95 -3.50 -10.28 -12.03
CA LYS B 95 -4.70 -10.67 -11.29
C LYS B 95 -5.35 -11.94 -11.86
N GLU B 96 -5.23 -12.13 -13.16
CA GLU B 96 -5.80 -13.31 -13.81
C GLU B 96 -5.13 -14.59 -13.31
N ASP B 97 -3.82 -14.52 -13.15
CA ASP B 97 -3.04 -15.65 -12.67
C ASP B 97 -3.27 -15.93 -11.18
N ARG B 98 -3.59 -14.90 -10.40
CA ARG B 98 -3.84 -15.06 -8.97
C ARG B 98 -4.99 -16.04 -8.76
N LEU B 99 -6.02 -15.87 -9.57
CA LEU B 99 -7.19 -16.73 -9.47
C LEU B 99 -6.82 -18.19 -9.75
N VAL B 100 -6.14 -18.42 -10.87
CA VAL B 100 -5.74 -19.77 -11.24
C VAL B 100 -4.74 -20.36 -10.26
N GLN B 101 -3.82 -19.53 -9.77
CA GLN B 101 -2.82 -19.99 -8.81
C GLN B 101 -3.52 -20.46 -7.53
N ILE B 102 -4.53 -19.70 -7.08
CA ILE B 102 -5.24 -20.06 -5.87
C ILE B 102 -6.20 -21.24 -6.07
N GLU B 103 -7.01 -21.20 -7.13
CA GLU B 103 -7.96 -22.26 -7.40
C GLU B 103 -7.26 -23.63 -7.51
N MET B 104 -6.03 -23.64 -8.00
CA MET B 104 -5.27 -24.88 -8.12
C MET B 104 -5.07 -25.54 -6.75
N LEU B 105 -4.55 -24.76 -5.79
CA LEU B 105 -4.29 -25.28 -4.46
C LEU B 105 -5.60 -25.53 -3.70
N LYS B 106 -6.66 -24.85 -4.10
CA LYS B 106 -7.95 -25.00 -3.47
C LYS B 106 -8.46 -26.38 -3.87
N ASP B 107 -8.26 -26.71 -5.13
CA ASP B 107 -8.69 -27.98 -5.70
C ASP B 107 -7.87 -29.13 -5.09
N TYR B 108 -6.57 -28.90 -4.94
CA TYR B 108 -5.69 -29.90 -4.36
C TYR B 108 -6.14 -30.19 -2.94
N ALA B 109 -6.45 -29.13 -2.20
CA ALA B 109 -6.92 -29.26 -0.83
C ALA B 109 -8.20 -30.07 -0.81
N ARG B 110 -9.04 -29.86 -1.83
CA ARG B 110 -10.30 -30.56 -1.90
C ARG B 110 -10.06 -32.06 -2.12
N LYS B 111 -8.97 -32.37 -2.81
CA LYS B 111 -8.62 -33.75 -3.08
C LYS B 111 -8.21 -34.44 -1.80
N LEU B 112 -7.81 -33.64 -0.81
CA LEU B 112 -7.40 -34.17 0.49
C LEU B 112 -8.60 -34.27 1.41
N GLY B 113 -9.72 -33.74 0.97
CA GLY B 113 -10.93 -33.79 1.78
C GLY B 113 -11.35 -32.49 2.46
N TYR B 114 -10.62 -31.40 2.22
CA TYR B 114 -10.97 -30.12 2.85
C TYR B 114 -11.42 -29.01 1.90
N ASP B 115 -12.50 -28.33 2.26
CA ASP B 115 -13.03 -27.21 1.48
C ASP B 115 -12.29 -26.00 2.03
N ALA B 116 -11.14 -25.69 1.45
CA ALA B 116 -10.32 -24.58 1.90
C ALA B 116 -11.02 -23.24 1.77
N LYS B 117 -10.94 -22.44 2.83
CA LYS B 117 -11.55 -21.11 2.86
C LYS B 117 -10.54 -20.02 3.20
N GLY B 118 -9.36 -20.42 3.68
CA GLY B 118 -8.36 -19.44 4.05
C GLY B 118 -7.10 -19.40 3.21
N VAL B 119 -6.38 -18.28 3.29
CA VAL B 119 -5.15 -18.11 2.55
C VAL B 119 -4.03 -17.56 3.44
N TRP B 120 -2.82 -17.97 3.12
CA TRP B 120 -1.62 -17.55 3.83
C TRP B 120 -0.86 -16.58 2.91
N LEU B 121 -0.42 -15.45 3.46
CA LEU B 121 0.33 -14.46 2.69
C LEU B 121 1.78 -14.87 2.51
N THR B 122 2.13 -15.30 1.31
CA THR B 122 3.50 -15.70 1.04
C THR B 122 4.38 -14.50 1.37
N GLU B 123 5.46 -14.73 2.11
CA GLU B 123 6.36 -13.67 2.51
C GLU B 123 5.66 -12.52 3.23
N ARG B 124 4.42 -12.75 3.64
CA ARG B 124 3.65 -11.73 4.37
C ARG B 124 3.41 -10.44 3.58
N VAL B 125 3.62 -10.45 2.27
CA VAL B 125 3.42 -9.24 1.48
C VAL B 125 1.94 -8.87 1.27
N TRP B 126 1.53 -7.74 1.81
CA TRP B 126 0.15 -7.31 1.62
C TRP B 126 -0.01 -6.08 0.76
N GLN B 127 -0.96 -6.15 -0.16
CA GLN B 127 -1.31 -5.03 -1.04
C GLN B 127 -2.84 -5.10 -1.10
N PRO B 128 -3.53 -3.95 -1.03
CA PRO B 128 -5.00 -3.90 -1.06
C PRO B 128 -5.71 -4.63 -2.19
N GLU B 129 -5.14 -4.60 -3.38
CA GLU B 129 -5.78 -5.25 -4.52
C GLU B 129 -6.06 -6.74 -4.33
N LEU B 130 -5.40 -7.36 -3.35
CA LEU B 130 -5.60 -8.78 -3.08
C LEU B 130 -6.99 -9.15 -2.60
N VAL B 131 -7.72 -8.22 -2.02
CA VAL B 131 -9.07 -8.54 -1.51
C VAL B 131 -10.00 -9.02 -2.62
N LYS B 132 -9.92 -8.37 -3.77
CA LYS B 132 -10.77 -8.74 -4.91
C LYS B 132 -10.41 -10.13 -5.44
N SER B 133 -9.12 -10.36 -5.65
CA SER B 133 -8.64 -11.63 -6.16
C SER B 133 -8.99 -12.80 -5.23
N LEU B 134 -8.83 -12.59 -3.92
CA LEU B 134 -9.13 -13.63 -2.95
C LEU B 134 -10.61 -13.95 -2.95
N ARG B 135 -11.44 -12.92 -2.89
CA ARG B 135 -12.88 -13.11 -2.89
C ARG B 135 -13.35 -13.81 -4.16
N GLU B 136 -12.72 -13.48 -5.29
CA GLU B 136 -13.07 -14.12 -6.55
C GLU B 136 -12.77 -15.61 -6.46
N ALA B 137 -11.70 -15.96 -5.77
CA ALA B 137 -11.30 -17.36 -5.63
C ALA B 137 -12.08 -18.12 -4.55
N GLY B 138 -13.07 -17.47 -3.97
CA GLY B 138 -13.86 -18.13 -2.95
C GLY B 138 -13.25 -18.11 -1.55
N ILE B 139 -12.18 -17.34 -1.37
CA ILE B 139 -11.53 -17.23 -0.07
C ILE B 139 -12.29 -16.32 0.88
N GLU B 140 -12.37 -16.71 2.15
CA GLU B 140 -13.09 -15.92 3.13
C GLU B 140 -12.20 -15.26 4.18
N TYR B 141 -10.93 -15.65 4.24
CA TYR B 141 -10.04 -15.04 5.22
C TYR B 141 -8.57 -15.20 4.89
N VAL B 142 -7.76 -14.28 5.43
CA VAL B 142 -6.34 -14.30 5.20
C VAL B 142 -5.62 -14.11 6.54
N VAL B 143 -4.49 -14.80 6.69
CA VAL B 143 -3.71 -14.75 7.90
C VAL B 143 -2.61 -13.71 7.78
N VAL B 144 -2.63 -12.72 8.66
CA VAL B 144 -1.64 -11.65 8.64
C VAL B 144 -1.07 -11.35 10.02
N ASP B 145 0.19 -10.95 10.06
CA ASP B 145 0.86 -10.63 11.32
C ASP B 145 0.31 -9.34 11.90
N ASP B 146 0.24 -9.24 13.23
CA ASP B 146 -0.25 -8.00 13.82
C ASP B 146 0.65 -6.83 13.40
N TYR B 147 1.82 -7.19 12.88
CA TYR B 147 2.78 -6.21 12.38
C TYR B 147 2.04 -5.22 11.47
N HIS B 148 1.24 -5.75 10.54
CA HIS B 148 0.49 -4.91 9.61
C HIS B 148 -0.50 -4.03 10.37
N PHE B 149 -1.26 -4.65 11.26
CA PHE B 149 -2.24 -3.93 12.06
C PHE B 149 -1.61 -2.82 12.87
N MET B 150 -0.47 -3.11 13.48
CA MET B 150 0.20 -2.11 14.29
C MET B 150 0.73 -1.01 13.41
N SER B 151 1.13 -1.37 12.19
CA SER B 151 1.62 -0.37 11.25
C SER B 151 0.50 0.61 10.90
N ALA B 152 -0.74 0.15 10.98
CA ALA B 152 -1.90 0.97 10.67
C ALA B 152 -2.30 1.88 11.83
N GLY B 153 -1.77 1.60 13.02
CA GLY B 153 -2.08 2.41 14.19
C GLY B 153 -2.78 1.72 15.33
N LEU B 154 -3.08 0.43 15.17
CA LEU B 154 -3.76 -0.36 16.20
C LEU B 154 -2.80 -0.75 17.34
N SER B 155 -3.35 -1.01 18.52
CA SER B 155 -2.55 -1.41 19.66
C SER B 155 -2.76 -2.91 19.84
N LYS B 156 -1.81 -3.58 20.47
CA LYS B 156 -1.92 -5.02 20.67
C LYS B 156 -3.22 -5.47 21.33
N GLU B 157 -3.71 -4.70 22.29
CA GLU B 157 -4.94 -5.06 22.99
C GLU B 157 -6.18 -5.18 22.09
N GLU B 158 -6.11 -4.57 20.91
CA GLU B 158 -7.25 -4.61 19.99
C GLU B 158 -7.12 -5.75 18.98
N LEU B 159 -5.95 -6.38 18.95
CA LEU B 159 -5.65 -7.46 17.99
C LEU B 159 -5.93 -8.90 18.44
N PHE B 160 -6.90 -9.11 19.32
CA PHE B 160 -7.21 -10.46 19.76
C PHE B 160 -8.57 -10.87 19.24
N TRP B 161 -8.84 -10.40 18.03
CA TRP B 161 -10.08 -10.66 17.31
C TRP B 161 -9.73 -10.45 15.84
N PRO B 162 -10.47 -11.11 14.93
CA PRO B 162 -10.19 -10.92 13.51
C PRO B 162 -10.90 -9.61 13.09
N TYR B 163 -10.51 -9.04 11.97
CA TYR B 163 -11.12 -7.81 11.48
C TYR B 163 -11.52 -7.97 10.03
N TYR B 164 -12.19 -6.95 9.50
CA TYR B 164 -12.56 -6.91 8.10
C TYR B 164 -11.63 -5.88 7.50
N THR B 165 -11.48 -5.93 6.19
CA THR B 165 -10.68 -4.97 5.45
C THR B 165 -11.34 -4.96 4.10
N GLU B 166 -11.38 -3.81 3.43
CA GLU B 166 -12.03 -3.75 2.13
C GLU B 166 -11.24 -3.01 1.07
N ASP B 167 -11.52 -3.35 -0.17
CA ASP B 167 -10.88 -2.72 -1.31
C ASP B 167 -11.70 -3.15 -2.52
N GLY B 168 -11.67 -2.33 -3.56
CA GLY B 168 -12.40 -2.61 -4.78
C GLY B 168 -13.86 -2.96 -4.56
N GLY B 169 -14.40 -2.61 -3.39
CA GLY B 169 -15.80 -2.91 -3.11
C GLY B 169 -15.97 -4.11 -2.18
N GLU B 170 -15.23 -5.17 -2.48
CA GLU B 170 -15.26 -6.41 -1.70
C GLU B 170 -14.70 -6.23 -0.28
N VAL B 171 -14.96 -7.20 0.58
CA VAL B 171 -14.46 -7.23 1.95
C VAL B 171 -13.96 -8.64 2.24
N ILE B 172 -12.97 -8.76 3.12
CA ILE B 172 -12.46 -10.08 3.48
C ILE B 172 -11.98 -10.06 4.93
N THR B 173 -12.00 -11.22 5.58
CA THR B 173 -11.56 -11.34 6.96
C THR B 173 -10.04 -11.48 7.07
N VAL B 174 -9.47 -10.77 8.03
CA VAL B 174 -8.04 -10.80 8.28
C VAL B 174 -7.81 -11.18 9.74
N PHE B 175 -6.99 -12.21 9.96
CA PHE B 175 -6.68 -12.70 11.31
C PHE B 175 -5.29 -12.24 11.67
N PRO B 176 -5.15 -11.48 12.77
CA PRO B 176 -3.80 -11.05 13.12
C PRO B 176 -3.02 -12.17 13.82
N ILE B 177 -1.75 -12.32 13.48
CA ILE B 177 -0.90 -13.33 14.08
C ILE B 177 -0.14 -12.68 15.22
N ASP B 178 -0.31 -13.21 16.42
CA ASP B 178 0.35 -12.70 17.62
C ASP B 178 1.87 -12.77 17.49
N GLU B 179 2.52 -11.63 17.62
CA GLU B 179 3.98 -11.58 17.50
C GLU B 179 4.68 -12.31 18.66
N LYS B 180 4.17 -12.12 19.87
CA LYS B 180 4.79 -12.75 21.04
C LYS B 180 4.87 -14.27 20.92
N LEU B 181 3.80 -14.90 20.47
CA LEU B 181 3.78 -16.34 20.31
C LEU B 181 4.86 -16.87 19.36
N ARG B 182 5.31 -16.05 18.41
CA ARG B 182 6.36 -16.49 17.50
C ARG B 182 7.68 -16.62 18.26
N TYR B 183 7.78 -15.90 19.37
CA TYR B 183 8.96 -15.93 20.21
C TYR B 183 8.86 -17.10 21.17
N LEU B 184 7.64 -17.38 21.64
CA LEU B 184 7.42 -18.45 22.60
C LEU B 184 7.48 -19.84 21.98
N ILE B 185 6.92 -19.96 20.77
CA ILE B 185 6.83 -21.22 20.05
C ILE B 185 7.84 -21.36 18.90
N PRO B 186 8.70 -22.39 18.97
CA PRO B 186 8.75 -23.43 20.01
C PRO B 186 9.98 -23.22 20.89
N PHE B 187 10.69 -22.13 20.64
CA PHE B 187 11.92 -21.80 21.36
C PHE B 187 11.88 -21.72 22.88
N ARG B 188 10.70 -21.49 23.44
CA ARG B 188 10.58 -21.37 24.89
C ARG B 188 9.86 -22.55 25.52
N PRO B 189 9.98 -22.69 26.85
CA PRO B 189 9.34 -23.79 27.57
C PRO B 189 7.82 -23.77 27.40
N VAL B 190 7.25 -24.94 27.19
CA VAL B 190 5.81 -25.05 27.01
C VAL B 190 5.00 -24.20 27.99
N LYS B 191 5.37 -24.27 29.27
CA LYS B 191 4.66 -23.50 30.30
C LYS B 191 4.59 -22.00 30.01
N LYS B 192 5.63 -21.46 29.38
CA LYS B 192 5.68 -20.04 29.07
C LYS B 192 4.52 -19.59 28.14
N THR B 193 4.17 -20.43 27.16
CA THR B 193 3.08 -20.14 26.24
C THR B 193 1.73 -20.37 26.92
N ILE B 194 1.67 -21.41 27.75
CA ILE B 194 0.43 -21.72 28.46
C ILE B 194 0.12 -20.57 29.43
N GLU B 195 1.15 -19.97 30.00
CA GLU B 195 0.98 -18.86 30.93
C GLU B 195 0.43 -17.66 30.17
N TYR B 196 1.06 -17.35 29.04
CA TYR B 196 0.65 -16.23 28.20
C TYR B 196 -0.82 -16.32 27.78
N LEU B 197 -1.25 -17.47 27.30
CA LEU B 197 -2.63 -17.62 26.87
C LEU B 197 -3.57 -17.46 28.05
N GLU B 198 -3.19 -17.99 29.21
CA GLU B 198 -4.04 -17.87 30.39
C GLU B 198 -4.19 -16.41 30.78
N SER B 199 -3.14 -15.64 30.62
CA SER B 199 -3.14 -14.23 30.96
C SER B 199 -4.03 -13.40 30.03
N LEU B 200 -4.44 -13.97 28.89
CA LEU B 200 -5.29 -13.26 27.94
C LEU B 200 -6.75 -13.55 28.16
N THR B 201 -7.03 -14.50 29.04
CA THR B 201 -8.40 -14.92 29.38
C THR B 201 -9.36 -13.75 29.63
N SER B 202 -10.64 -13.98 29.35
CA SER B 202 -11.67 -12.96 29.52
C SER B 202 -13.08 -13.53 29.48
N ASP B 203 -14.06 -12.69 29.80
CA ASP B 203 -15.45 -13.10 29.79
C ASP B 203 -15.95 -13.13 28.35
N ASP B 204 -15.22 -12.44 27.47
CA ASP B 204 -15.55 -12.38 26.04
C ASP B 204 -15.23 -13.73 25.41
N PRO B 205 -16.27 -14.52 25.08
CA PRO B 205 -16.13 -15.84 24.47
C PRO B 205 -15.57 -15.83 23.05
N SER B 206 -15.39 -14.65 22.48
CA SER B 206 -14.88 -14.54 21.12
C SER B 206 -13.42 -14.10 21.06
N LYS B 207 -12.83 -13.73 22.19
CA LYS B 207 -11.45 -13.29 22.17
C LYS B 207 -10.59 -14.48 21.72
N VAL B 208 -9.58 -14.22 20.89
CA VAL B 208 -8.73 -15.29 20.38
C VAL B 208 -7.30 -14.84 20.12
N ALA B 209 -6.36 -15.78 20.28
CA ALA B 209 -4.94 -15.51 20.03
C ALA B 209 -4.53 -16.51 18.96
N VAL B 210 -3.68 -16.07 18.04
CA VAL B 210 -3.27 -16.90 16.93
C VAL B 210 -1.78 -17.06 16.71
N PHE B 211 -1.36 -18.31 16.50
CA PHE B 211 0.03 -18.58 16.19
C PHE B 211 0.01 -19.23 14.81
N HIS B 212 0.89 -18.79 13.93
CA HIS B 212 0.98 -19.35 12.58
C HIS B 212 2.31 -18.90 12.02
N ASP B 213 3.24 -19.82 11.91
CA ASP B 213 4.59 -19.48 11.43
C ASP B 213 5.13 -20.58 10.52
N ASP B 214 6.38 -20.39 10.09
CA ASP B 214 7.03 -21.37 9.23
C ASP B 214 7.11 -22.72 9.95
N GLY B 215 6.59 -23.76 9.31
CA GLY B 215 6.61 -25.08 9.90
C GLY B 215 8.01 -25.61 10.11
N GLU B 216 8.99 -25.04 9.42
CA GLU B 216 10.38 -25.49 9.54
C GLU B 216 10.99 -25.17 10.91
N LYS B 217 10.31 -24.32 11.68
CA LYS B 217 10.80 -23.97 13.00
C LYS B 217 10.74 -25.22 13.85
N PHE B 218 9.89 -26.15 13.44
CA PHE B 218 9.72 -27.40 14.16
C PHE B 218 10.54 -28.54 13.57
N GLY B 219 11.86 -28.41 13.58
CA GLY B 219 12.70 -29.47 13.07
C GLY B 219 13.91 -29.11 12.22
N VAL B 220 13.72 -28.18 11.27
CA VAL B 220 14.79 -27.78 10.35
C VAL B 220 15.69 -26.64 10.83
N TRP B 221 15.11 -25.61 11.43
CA TRP B 221 15.91 -24.50 11.93
C TRP B 221 16.96 -25.06 12.91
N PRO B 222 18.13 -24.41 13.00
CA PRO B 222 19.20 -24.84 13.89
C PRO B 222 18.78 -25.29 15.29
N GLY B 223 19.19 -26.51 15.64
CA GLY B 223 18.89 -27.07 16.95
C GLY B 223 17.45 -27.38 17.29
N THR B 224 16.52 -27.04 16.42
CA THR B 224 15.11 -27.28 16.72
C THR B 224 14.71 -28.75 16.69
N TYR B 225 15.38 -29.55 15.87
CA TYR B 225 15.02 -30.96 15.83
C TYR B 225 15.16 -31.59 17.21
N GLU B 226 16.29 -31.32 17.87
CA GLU B 226 16.55 -31.87 19.18
C GLU B 226 15.57 -31.38 20.26
N TRP B 227 15.39 -30.07 20.30
CA TRP B 227 14.51 -29.45 21.28
C TRP B 227 13.04 -29.78 21.05
N VAL B 228 12.64 -29.88 19.79
CA VAL B 228 11.25 -30.16 19.45
C VAL B 228 10.84 -31.62 19.50
N TYR B 229 11.67 -32.49 18.96
CA TYR B 229 11.35 -33.91 18.93
C TYR B 229 12.12 -34.80 19.91
N GLU B 230 13.42 -34.57 20.03
CA GLU B 230 14.21 -35.38 20.94
C GLU B 230 13.85 -35.13 22.39
N LYS B 231 13.65 -33.85 22.75
CA LYS B 231 13.31 -33.47 24.11
C LYS B 231 11.82 -33.37 24.39
N GLY B 232 11.02 -33.64 23.36
CA GLY B 232 9.58 -33.64 23.50
C GLY B 232 8.83 -32.32 23.60
N TRP B 233 9.42 -31.21 23.15
CA TRP B 233 8.70 -29.95 23.23
C TRP B 233 7.35 -30.07 22.55
N LEU B 234 7.37 -30.52 21.30
CA LEU B 234 6.14 -30.68 20.53
C LEU B 234 5.11 -31.53 21.27
N ARG B 235 5.50 -32.73 21.69
CA ARG B 235 4.59 -33.63 22.42
C ARG B 235 4.09 -33.01 23.73
N GLU B 236 4.98 -32.32 24.43
CA GLU B 236 4.61 -31.67 25.68
C GLU B 236 3.60 -30.56 25.42
N PHE B 237 3.79 -29.85 24.32
CA PHE B 237 2.92 -28.75 23.93
C PHE B 237 1.51 -29.20 23.55
N PHE B 238 1.41 -30.20 22.67
CA PHE B 238 0.11 -30.68 22.23
C PHE B 238 -0.69 -31.21 23.41
N ASP B 239 0.01 -31.79 24.37
CA ASP B 239 -0.63 -32.33 25.56
C ASP B 239 -1.17 -31.19 26.43
N ALA B 240 -0.30 -30.23 26.75
CA ALA B 240 -0.69 -29.08 27.58
C ALA B 240 -1.83 -28.29 26.96
N ILE B 241 -1.73 -28.03 25.67
CA ILE B 241 -2.72 -27.26 24.92
C ILE B 241 -4.11 -27.90 24.79
N THR B 242 -4.20 -29.21 24.89
CA THR B 242 -5.50 -29.88 24.77
C THR B 242 -6.10 -30.28 26.12
N SER B 243 -5.35 -30.04 27.18
CA SER B 243 -5.82 -30.38 28.52
C SER B 243 -5.89 -29.17 29.46
N ASN B 244 -6.30 -28.02 28.92
CA ASN B 244 -6.41 -26.81 29.73
C ASN B 244 -7.81 -26.20 29.61
N GLU B 245 -8.51 -26.17 30.73
CA GLU B 245 -9.87 -25.66 30.83
C GLU B 245 -10.07 -24.20 30.38
N LYS B 246 -9.01 -23.40 30.44
CA LYS B 246 -9.12 -21.99 30.06
C LYS B 246 -8.78 -21.73 28.60
N ILE B 247 -8.36 -22.77 27.89
CA ILE B 247 -7.96 -22.63 26.50
C ILE B 247 -8.81 -23.46 25.55
N ASN B 248 -9.58 -22.78 24.71
CA ASN B 248 -10.43 -23.46 23.75
C ASN B 248 -9.74 -23.45 22.39
N LEU B 249 -9.28 -24.61 21.96
CA LEU B 249 -8.58 -24.74 20.70
C LEU B 249 -9.54 -24.90 19.53
N MET B 250 -9.29 -24.19 18.44
CA MET B 250 -10.16 -24.32 17.27
C MET B 250 -9.46 -23.94 15.97
N THR B 251 -10.12 -24.18 14.85
CA THR B 251 -9.54 -23.84 13.55
C THR B 251 -10.13 -22.52 13.09
N TYR B 252 -9.45 -21.85 12.17
CA TYR B 252 -9.93 -20.59 11.64
C TYR B 252 -11.38 -20.70 11.18
N SER B 253 -11.69 -21.70 10.36
CA SER B 253 -13.05 -21.87 9.86
C SER B 253 -14.02 -22.14 11.00
N GLU B 254 -13.59 -22.91 11.98
CA GLU B 254 -14.46 -23.21 13.12
C GLU B 254 -14.80 -21.89 13.79
N TYR B 255 -13.77 -21.10 14.06
CA TYR B 255 -13.95 -19.79 14.70
C TYR B 255 -14.96 -18.95 13.97
N LEU B 256 -14.69 -18.70 12.69
CA LEU B 256 -15.54 -17.87 11.84
C LEU B 256 -16.98 -18.37 11.70
N SER B 257 -17.24 -19.61 12.09
CA SER B 257 -18.59 -20.15 12.01
C SER B 257 -19.37 -19.80 13.28
N LYS B 258 -18.64 -19.35 14.30
CA LYS B 258 -19.25 -19.00 15.56
C LYS B 258 -19.20 -17.49 15.84
N PHE B 259 -18.08 -16.85 15.53
CA PHE B 259 -17.93 -15.43 15.75
C PHE B 259 -17.60 -14.68 14.47
N THR B 260 -17.90 -13.38 14.45
CA THR B 260 -17.64 -12.57 13.29
C THR B 260 -16.54 -11.56 13.61
N PRO B 261 -15.90 -11.00 12.57
CA PRO B 261 -14.83 -10.01 12.70
C PRO B 261 -15.31 -8.82 13.54
N ARG B 262 -14.44 -8.30 14.38
CA ARG B 262 -14.74 -7.21 15.30
C ARG B 262 -14.83 -5.77 14.75
N GLY B 263 -14.23 -5.52 13.58
CA GLY B 263 -14.27 -4.18 13.03
C GLY B 263 -13.63 -4.06 11.66
N LEU B 264 -13.49 -2.82 11.19
CA LEU B 264 -12.91 -2.56 9.88
C LEU B 264 -11.60 -1.82 10.00
N VAL B 265 -10.60 -2.30 9.26
CA VAL B 265 -9.30 -1.67 9.27
C VAL B 265 -8.69 -1.80 7.89
N TYR B 266 -7.82 -0.86 7.54
CA TYR B 266 -7.15 -0.90 6.27
C TYR B 266 -5.67 -1.12 6.56
N LEU B 267 -5.05 -2.02 5.82
CA LEU B 267 -3.65 -2.35 6.03
C LEU B 267 -2.70 -1.67 5.05
N PRO B 268 -1.55 -1.22 5.54
CA PRO B 268 -0.62 -0.56 4.63
C PRO B 268 0.06 -1.63 3.78
N ILE B 269 0.85 -1.21 2.79
CA ILE B 269 1.56 -2.21 2.01
C ILE B 269 2.85 -2.50 2.79
N ALA B 270 2.92 -3.70 3.35
CA ALA B 270 4.06 -4.12 4.14
C ALA B 270 4.11 -5.64 4.21
N SER B 271 5.24 -6.16 4.66
CA SER B 271 5.45 -7.60 4.79
C SER B 271 5.85 -7.86 6.25
N TYR B 272 7.14 -7.68 6.54
CA TYR B 272 7.66 -7.83 7.88
C TYR B 272 8.92 -6.99 8.03
N PHE B 273 9.31 -6.70 9.27
CA PHE B 273 10.46 -5.85 9.54
C PHE B 273 11.73 -6.12 8.72
N GLU B 274 12.19 -7.37 8.73
CA GLU B 274 13.40 -7.76 8.00
C GLU B 274 13.26 -7.52 6.50
N MET B 275 12.11 -7.88 5.94
CA MET B 275 11.89 -7.71 4.50
C MET B 275 12.08 -6.25 4.10
N SER B 276 11.63 -5.34 4.96
CA SER B 276 11.75 -3.91 4.66
C SER B 276 13.20 -3.49 4.63
N GLU B 277 14.03 -4.23 5.35
CA GLU B 277 15.47 -3.94 5.38
C GLU B 277 16.11 -4.45 4.11
N TRP B 278 15.85 -5.73 3.81
CA TRP B 278 16.41 -6.39 2.64
C TRP B 278 15.98 -5.79 1.32
N SER B 279 14.74 -5.32 1.27
CA SER B 279 14.19 -4.73 0.04
C SER B 279 14.82 -3.38 -0.31
N LEU B 280 15.66 -2.87 0.59
CA LEU B 280 16.32 -1.58 0.36
C LEU B 280 17.60 -1.75 -0.44
N PRO B 281 17.90 -0.78 -1.31
CA PRO B 281 19.14 -0.93 -2.07
C PRO B 281 20.29 -0.86 -1.08
N ALA B 282 21.16 -1.88 -1.09
CA ALA B 282 22.32 -1.99 -0.21
C ALA B 282 22.68 -0.75 0.61
N LYS B 283 23.20 0.28 -0.06
CA LYS B 283 23.60 1.51 0.62
C LYS B 283 22.52 2.04 1.58
N GLN B 284 21.26 1.86 1.21
CA GLN B 284 20.15 2.32 2.01
C GLN B 284 19.87 1.37 3.18
N ALA B 285 20.07 0.08 2.94
CA ALA B 285 19.86 -0.92 4.00
C ALA B 285 20.91 -0.69 5.09
N LYS B 286 22.06 -0.16 4.68
CA LYS B 286 23.16 0.15 5.58
C LYS B 286 22.67 1.19 6.59
N LEU B 287 22.13 2.29 6.06
CA LEU B 287 21.59 3.37 6.87
C LEU B 287 20.51 2.84 7.82
N PHE B 288 19.62 2.00 7.30
CA PHE B 288 18.55 1.44 8.09
C PHE B 288 19.09 0.70 9.30
N VAL B 289 20.14 -0.10 9.08
CA VAL B 289 20.74 -0.87 10.15
C VAL B 289 21.38 0.07 11.16
N GLU B 290 22.04 1.12 10.68
CA GLU B 290 22.66 2.11 11.58
C GLU B 290 21.56 2.66 12.48
N PHE B 291 20.48 3.11 11.83
CA PHE B 291 19.34 3.68 12.52
C PHE B 291 18.79 2.74 13.59
N VAL B 292 18.31 1.58 13.18
CA VAL B 292 17.77 0.62 14.14
C VAL B 292 18.75 0.33 15.29
N GLU B 293 20.04 0.48 15.02
CA GLU B 293 21.05 0.25 16.06
C GLU B 293 21.09 1.39 17.07
N GLN B 294 21.27 2.62 16.59
CA GLN B 294 21.33 3.76 17.49
C GLN B 294 20.08 3.84 18.37
N LEU B 295 18.92 3.53 17.80
CA LEU B 295 17.68 3.54 18.56
C LEU B 295 17.77 2.51 19.68
N LYS B 296 18.38 1.37 19.38
CA LYS B 296 18.52 0.31 20.37
C LYS B 296 19.57 0.67 21.43
N GLU B 297 20.61 1.37 21.00
CA GLU B 297 21.68 1.78 21.91
C GLU B 297 21.16 2.83 22.89
N GLU B 298 20.08 3.51 22.51
CA GLU B 298 19.50 4.54 23.36
C GLU B 298 18.12 4.16 23.88
N GLY B 299 17.82 2.86 23.86
CA GLY B 299 16.54 2.35 24.35
C GLY B 299 15.28 2.91 23.70
N LYS B 300 15.46 3.72 22.66
CA LYS B 300 14.32 4.35 21.96
C LYS B 300 13.59 3.41 20.99
N PHE B 301 14.29 2.39 20.50
CA PHE B 301 13.70 1.46 19.54
C PHE B 301 12.40 0.81 20.00
N GLU B 302 12.37 0.35 21.24
CA GLU B 302 11.18 -0.31 21.78
C GLU B 302 9.86 0.42 21.54
N LYS B 303 9.83 1.72 21.80
CA LYS B 303 8.58 2.46 21.63
C LYS B 303 8.37 3.18 20.32
N TYR B 304 9.40 3.20 19.46
CA TYR B 304 9.29 3.87 18.18
C TYR B 304 9.42 2.92 16.98
N ARG B 305 9.45 1.62 17.24
CA ARG B 305 9.61 0.64 16.16
C ARG B 305 8.47 0.60 15.13
N VAL B 306 7.23 0.83 15.58
CA VAL B 306 6.08 0.81 14.68
C VAL B 306 6.13 1.94 13.65
N PHE B 307 6.95 2.95 13.94
CA PHE B 307 7.10 4.10 13.06
C PHE B 307 8.39 3.99 12.26
N VAL B 308 8.99 2.80 12.27
CA VAL B 308 10.25 2.57 11.55
C VAL B 308 10.18 1.42 10.57
N ARG B 309 10.40 1.71 9.29
CA ARG B 309 10.39 0.69 8.25
C ARG B 309 11.28 1.07 7.06
N GLY B 310 11.72 0.06 6.33
CA GLY B 310 12.56 0.29 5.18
C GLY B 310 11.74 0.31 3.91
N GLY B 311 12.11 -0.51 2.93
CA GLY B 311 11.38 -0.53 1.67
C GLY B 311 10.29 -1.56 1.58
N ILE B 312 9.75 -1.74 0.38
CA ILE B 312 8.70 -2.72 0.17
C ILE B 312 9.20 -3.84 -0.72
N TRP B 313 8.56 -5.00 -0.63
CA TRP B 313 8.98 -6.16 -1.39
C TRP B 313 9.17 -5.94 -2.91
N LYS B 314 8.22 -5.27 -3.55
CA LYS B 314 8.33 -5.06 -5.00
C LYS B 314 9.49 -4.17 -5.41
N ASN B 315 10.14 -3.53 -4.44
CA ASN B 315 11.27 -2.66 -4.73
C ASN B 315 12.53 -3.51 -5.06
N PHE B 316 12.39 -4.83 -4.95
CA PHE B 316 13.51 -5.73 -5.28
C PHE B 316 13.74 -5.68 -6.79
N PHE B 317 12.70 -5.36 -7.53
CA PHE B 317 12.81 -5.25 -8.98
C PHE B 317 13.64 -4.01 -9.27
N PHE B 318 13.68 -3.10 -8.30
CA PHE B 318 14.47 -1.88 -8.42
C PHE B 318 15.90 -2.19 -7.94
N LYS B 319 15.99 -2.97 -6.87
CA LYS B 319 17.29 -3.35 -6.30
C LYS B 319 18.03 -4.30 -7.22
N TYR B 320 17.31 -5.25 -7.79
CA TYR B 320 17.91 -6.23 -8.68
C TYR B 320 17.37 -6.15 -10.12
N PRO B 321 18.11 -5.49 -11.01
CA PRO B 321 17.70 -5.35 -12.41
C PRO B 321 17.41 -6.71 -13.03
N GLU B 322 18.28 -7.68 -12.76
CA GLU B 322 18.12 -9.04 -13.30
C GLU B 322 16.82 -9.66 -12.83
N SER B 323 16.39 -9.30 -11.63
CA SER B 323 15.14 -9.83 -11.09
C SER B 323 13.98 -9.17 -11.82
N ASN B 324 14.12 -7.89 -12.11
CA ASN B 324 13.07 -7.16 -12.81
C ASN B 324 12.94 -7.71 -14.23
N PHE B 325 14.07 -7.90 -14.90
CA PHE B 325 14.03 -8.42 -16.27
C PHE B 325 13.37 -9.79 -16.29
N MET B 326 13.77 -10.65 -15.37
CA MET B 326 13.18 -11.98 -15.29
C MET B 326 11.69 -11.89 -15.03
N HIS B 327 11.29 -11.02 -14.11
CA HIS B 327 9.88 -10.85 -13.78
C HIS B 327 9.08 -10.25 -14.93
N LYS B 328 9.70 -9.35 -15.68
CA LYS B 328 9.00 -8.72 -16.80
C LYS B 328 8.87 -9.63 -18.01
N ARG B 329 9.82 -10.55 -18.20
CA ARG B 329 9.73 -11.48 -19.31
C ARG B 329 8.64 -12.50 -18.98
N MET B 330 8.42 -12.75 -17.69
CA MET B 330 7.38 -13.69 -17.27
C MET B 330 6.00 -13.07 -17.45
N LEU B 331 5.85 -11.79 -17.10
CA LEU B 331 4.57 -11.10 -17.27
C LEU B 331 4.22 -11.11 -18.75
N MET B 332 5.23 -10.78 -19.56
CA MET B 332 5.11 -10.74 -20.99
C MET B 332 4.59 -12.07 -21.54
N VAL B 333 5.27 -13.15 -21.16
CA VAL B 333 4.90 -14.49 -21.60
C VAL B 333 3.56 -14.90 -21.04
N SER B 334 3.32 -14.58 -19.77
CA SER B 334 2.06 -14.93 -19.12
C SER B 334 0.88 -14.40 -19.92
N LYS B 335 0.96 -13.14 -20.34
CA LYS B 335 -0.10 -12.50 -21.10
C LYS B 335 -0.29 -13.16 -22.48
N ALA B 336 0.82 -13.54 -23.11
CA ALA B 336 0.78 -14.14 -24.44
C ALA B 336 0.22 -15.57 -24.50
N VAL B 337 0.37 -16.33 -23.42
CA VAL B 337 -0.12 -17.70 -23.39
C VAL B 337 -1.34 -17.85 -22.51
N ARG B 338 -1.84 -16.72 -22.01
CA ARG B 338 -2.99 -16.73 -21.12
C ARG B 338 -4.15 -17.59 -21.59
N ASP B 339 -4.38 -17.64 -22.90
CA ASP B 339 -5.48 -18.44 -23.45
C ASP B 339 -5.10 -19.87 -23.81
N ASN B 340 -3.82 -20.22 -23.67
CA ASN B 340 -3.34 -21.57 -23.98
C ASN B 340 -3.03 -22.31 -22.67
N PRO B 341 -3.98 -23.07 -22.14
CA PRO B 341 -3.84 -23.83 -20.89
C PRO B 341 -2.55 -24.62 -20.76
N GLU B 342 -2.17 -25.31 -21.82
CA GLU B 342 -0.96 -26.13 -21.81
C GLU B 342 0.31 -25.30 -21.65
N ALA B 343 0.32 -24.10 -22.24
CA ALA B 343 1.48 -23.23 -22.15
C ALA B 343 1.44 -22.46 -20.81
N ARG B 344 0.24 -22.09 -20.39
CA ARG B 344 0.06 -21.35 -19.15
C ARG B 344 0.57 -22.11 -17.92
N LYS B 345 0.25 -23.40 -17.86
CA LYS B 345 0.70 -24.26 -16.75
C LYS B 345 2.18 -24.03 -16.43
N TYR B 346 2.98 -23.80 -17.45
CA TYR B 346 4.40 -23.55 -17.25
C TYR B 346 4.71 -22.18 -16.65
N ILE B 347 4.01 -21.14 -17.10
CA ILE B 347 4.27 -19.79 -16.60
C ILE B 347 3.88 -19.63 -15.15
N LEU B 348 2.84 -20.33 -14.72
CA LEU B 348 2.41 -20.25 -13.34
C LEU B 348 3.53 -20.75 -12.43
N LYS B 349 4.31 -21.70 -12.94
CA LYS B 349 5.43 -22.29 -12.20
C LYS B 349 6.59 -21.32 -12.11
N ALA B 350 6.70 -20.43 -13.09
CA ALA B 350 7.79 -19.46 -13.10
C ALA B 350 7.54 -18.35 -12.10
N GLN B 351 6.43 -18.43 -11.38
CA GLN B 351 6.09 -17.39 -10.41
C GLN B 351 6.49 -17.65 -8.97
N CYS B 352 7.22 -18.73 -8.71
CA CYS B 352 7.66 -19.01 -7.35
C CYS B 352 8.43 -17.78 -6.91
N ASN B 353 8.05 -17.23 -5.77
CA ASN B 353 8.63 -15.99 -5.23
C ASN B 353 10.10 -15.97 -4.89
N ASP B 354 10.53 -17.01 -4.19
CA ASP B 354 11.90 -17.14 -3.71
C ASP B 354 13.04 -16.62 -4.57
N ALA B 355 13.08 -17.04 -5.82
CA ALA B 355 14.15 -16.63 -6.74
C ALA B 355 14.15 -15.16 -7.15
N TYR B 356 13.09 -14.42 -6.83
CA TYR B 356 13.02 -13.02 -7.20
C TYR B 356 13.64 -12.03 -6.20
N TRP B 357 13.99 -12.50 -5.02
CA TRP B 357 14.59 -11.61 -4.03
C TRP B 357 15.69 -12.24 -3.20
N HIS B 358 16.30 -11.43 -2.33
CA HIS B 358 17.38 -11.87 -1.47
C HIS B 358 17.37 -11.16 -0.12
N GLY B 359 17.38 -11.95 0.94
CA GLY B 359 17.38 -11.42 2.29
C GLY B 359 18.77 -11.56 2.92
N VAL B 360 18.99 -12.68 3.58
CA VAL B 360 20.28 -12.94 4.20
C VAL B 360 21.00 -14.10 3.52
N PHE B 361 20.23 -14.98 2.87
CA PHE B 361 20.80 -16.12 2.17
C PHE B 361 19.94 -16.63 1.01
N GLY B 362 20.64 -17.07 -0.04
CA GLY B 362 19.98 -17.63 -1.20
C GLY B 362 19.07 -16.73 -2.01
N GLY B 363 17.86 -17.23 -2.27
CA GLY B 363 16.91 -16.49 -3.07
C GLY B 363 17.43 -16.38 -4.48
N ILE B 364 17.54 -15.16 -4.98
CA ILE B 364 18.00 -14.93 -6.34
C ILE B 364 19.47 -15.29 -6.55
N TYR B 365 20.21 -15.42 -5.46
CA TYR B 365 21.63 -15.75 -5.57
C TYR B 365 21.90 -17.23 -5.80
N LEU B 366 20.86 -18.05 -5.79
CA LEU B 366 21.03 -19.48 -6.02
C LEU B 366 20.71 -19.85 -7.47
N PRO B 367 21.75 -20.10 -8.27
CA PRO B 367 21.63 -20.46 -9.69
C PRO B 367 20.52 -21.46 -10.02
N HIS B 368 20.36 -22.49 -9.19
CA HIS B 368 19.32 -23.48 -9.46
C HIS B 368 17.89 -22.99 -9.24
N LEU B 369 17.70 -21.96 -8.44
CA LEU B 369 16.36 -21.43 -8.23
C LEU B 369 15.98 -20.58 -9.43
N ARG B 370 16.94 -19.77 -9.89
CA ARG B 370 16.70 -18.93 -11.05
C ARG B 370 16.39 -19.80 -12.26
N ARG B 371 17.23 -20.80 -12.52
CA ARG B 371 17.04 -21.68 -13.66
C ARG B 371 15.65 -22.29 -13.71
N THR B 372 15.05 -22.54 -12.55
CA THR B 372 13.72 -23.12 -12.53
C THR B 372 12.72 -22.09 -13.06
N VAL B 373 12.97 -20.82 -12.75
CA VAL B 373 12.09 -19.76 -13.21
C VAL B 373 12.26 -19.63 -14.72
N TRP B 374 13.50 -19.51 -15.17
CA TRP B 374 13.76 -19.37 -16.58
C TRP B 374 13.31 -20.58 -17.41
N GLU B 375 13.46 -21.77 -16.83
CA GLU B 375 13.04 -22.98 -17.52
C GLU B 375 11.56 -22.89 -17.90
N ASN B 376 10.73 -22.54 -16.92
CA ASN B 376 9.29 -22.44 -17.15
C ASN B 376 8.85 -21.27 -18.00
N ILE B 377 9.64 -20.20 -18.03
CA ILE B 377 9.31 -19.06 -18.86
C ILE B 377 9.50 -19.52 -20.31
N ILE B 378 10.67 -20.11 -20.56
CA ILE B 378 11.02 -20.60 -21.89
C ILE B 378 10.06 -21.69 -22.36
N LYS B 379 9.73 -22.63 -21.49
CA LYS B 379 8.80 -23.70 -21.88
C LYS B 379 7.41 -23.14 -22.17
N ALA B 380 7.03 -22.07 -21.50
CA ALA B 380 5.73 -21.49 -21.75
C ALA B 380 5.81 -20.80 -23.11
N GLN B 381 6.88 -20.05 -23.33
CA GLN B 381 7.05 -19.31 -24.58
C GLN B 381 7.28 -20.17 -25.82
N ARG B 382 7.95 -21.31 -25.67
CA ARG B 382 8.22 -22.19 -26.81
C ARG B 382 6.96 -22.62 -27.57
N TYR B 383 5.80 -22.38 -26.98
CA TYR B 383 4.53 -22.73 -27.62
C TYR B 383 4.13 -21.70 -28.67
N LEU B 384 4.74 -20.52 -28.60
CA LEU B 384 4.42 -19.44 -29.54
C LEU B 384 5.37 -19.41 -30.73
N LYS B 385 4.86 -18.94 -31.87
CA LYS B 385 5.67 -18.85 -33.07
C LYS B 385 6.74 -17.78 -32.88
N PRO B 386 7.97 -18.03 -33.39
CA PRO B 386 9.07 -17.07 -33.27
C PRO B 386 8.66 -15.74 -33.88
N GLU B 387 9.07 -14.64 -33.27
CA GLU B 387 8.71 -13.33 -33.80
C GLU B 387 9.62 -12.24 -33.28
N ASN B 388 10.41 -11.63 -34.17
CA ASN B 388 11.28 -10.55 -33.75
C ASN B 388 10.35 -9.39 -33.41
N LYS B 389 10.73 -8.61 -32.41
CA LYS B 389 9.90 -7.49 -32.01
C LYS B 389 10.69 -6.47 -31.20
N ILE B 390 10.29 -5.22 -31.29
CA ILE B 390 10.93 -4.13 -30.55
C ILE B 390 9.89 -3.71 -29.53
N LEU B 391 10.27 -3.70 -28.26
CA LEU B 391 9.34 -3.32 -27.20
C LEU B 391 10.05 -3.15 -25.88
N ASP B 392 9.53 -2.26 -25.04
CA ASP B 392 10.09 -2.02 -23.73
C ASP B 392 9.54 -3.10 -22.81
N VAL B 393 10.39 -4.10 -22.53
CA VAL B 393 10.03 -5.22 -21.68
C VAL B 393 9.98 -4.92 -20.18
N ASP B 394 11.06 -4.36 -19.65
CA ASP B 394 11.12 -4.08 -18.22
C ASP B 394 10.62 -2.70 -17.78
N PHE B 395 9.76 -2.12 -18.61
CA PHE B 395 9.13 -0.83 -18.33
C PHE B 395 10.04 0.28 -17.82
N ASP B 396 11.14 0.55 -18.52
CA ASP B 396 12.03 1.63 -18.09
C ASP B 396 12.09 2.72 -19.15
N GLY B 397 11.26 2.57 -20.20
CA GLY B 397 11.23 3.55 -21.26
C GLY B 397 12.23 3.36 -22.38
N ARG B 398 13.05 2.33 -22.33
CA ARG B 398 14.03 2.10 -23.38
C ARG B 398 13.82 0.71 -23.99
N ALA B 399 13.31 0.68 -25.21
CA ALA B 399 13.02 -0.58 -25.90
C ALA B 399 14.09 -1.67 -25.92
N GLU B 400 13.62 -2.92 -25.91
CA GLU B 400 14.48 -4.10 -26.00
C GLU B 400 14.33 -4.60 -27.42
N ILE B 401 15.32 -5.34 -27.90
CA ILE B 401 15.25 -5.91 -29.24
C ILE B 401 15.20 -7.42 -29.09
N MET B 402 14.04 -8.01 -29.32
CA MET B 402 13.89 -9.45 -29.20
C MET B 402 13.91 -10.17 -30.54
N VAL B 403 14.99 -10.89 -30.79
CA VAL B 403 15.14 -11.65 -32.01
C VAL B 403 15.01 -13.12 -31.64
N GLU B 404 14.23 -13.85 -32.43
CA GLU B 404 14.04 -15.26 -32.13
C GLU B 404 13.77 -16.16 -33.33
N ASN B 405 14.22 -17.40 -33.22
CA ASN B 405 13.99 -18.39 -34.26
C ASN B 405 13.43 -19.61 -33.53
N ASP B 406 13.33 -20.74 -34.21
CA ASP B 406 12.77 -21.94 -33.61
C ASP B 406 13.60 -22.49 -32.46
N GLY B 407 14.88 -22.12 -32.40
CA GLY B 407 15.72 -22.62 -31.33
C GLY B 407 16.10 -21.63 -30.24
N PHE B 408 16.02 -20.34 -30.54
CA PHE B 408 16.42 -19.35 -29.53
C PHE B 408 15.60 -18.09 -29.43
N ILE B 409 15.85 -17.39 -28.34
CA ILE B 409 15.22 -16.12 -28.05
C ILE B 409 16.38 -15.26 -27.54
N ALA B 410 16.69 -14.21 -28.28
CA ALA B 410 17.77 -13.31 -27.91
C ALA B 410 17.19 -11.92 -27.66
N THR B 411 17.31 -11.45 -26.42
CA THR B 411 16.82 -10.13 -26.07
C THR B 411 18.03 -9.22 -25.97
N ILE B 412 17.99 -8.11 -26.70
CA ILE B 412 19.09 -7.15 -26.70
C ILE B 412 18.68 -5.82 -26.10
N LYS B 413 19.63 -5.16 -25.46
CA LYS B 413 19.41 -3.84 -24.84
C LYS B 413 20.32 -2.84 -25.54
N PRO B 414 19.82 -2.19 -26.60
CA PRO B 414 20.64 -1.21 -27.31
C PRO B 414 21.21 -0.15 -26.36
N HIS B 415 20.40 0.21 -25.35
CA HIS B 415 20.78 1.22 -24.38
C HIS B 415 21.99 0.88 -23.51
N TYR B 416 22.28 -0.40 -23.33
CA TYR B 416 23.44 -0.82 -22.52
C TYR B 416 24.42 -1.64 -23.34
N GLY B 417 25.39 -0.96 -23.95
CA GLY B 417 26.40 -1.65 -24.75
C GLY B 417 25.93 -2.49 -25.93
N GLY B 418 24.69 -2.28 -26.37
CA GLY B 418 24.15 -3.03 -27.48
C GLY B 418 24.41 -4.53 -27.37
N SER B 419 24.40 -5.03 -26.13
CA SER B 419 24.67 -6.43 -25.89
C SER B 419 23.46 -7.29 -25.61
N ILE B 420 23.68 -8.61 -25.65
CA ILE B 420 22.64 -9.60 -25.39
C ILE B 420 22.50 -9.84 -23.90
N PHE B 421 21.34 -9.53 -23.36
CA PHE B 421 21.08 -9.72 -21.93
C PHE B 421 20.34 -11.02 -21.67
N GLU B 422 19.85 -11.63 -22.75
CA GLU B 422 19.14 -12.90 -22.68
C GLU B 422 19.41 -13.74 -23.94
N LEU B 423 19.68 -15.02 -23.73
CA LEU B 423 19.91 -15.95 -24.82
C LEU B 423 19.30 -17.25 -24.38
N SER B 424 18.00 -17.38 -24.56
CA SER B 424 17.30 -18.58 -24.13
C SER B 424 17.21 -19.65 -25.19
N SER B 425 17.72 -20.83 -24.84
CA SER B 425 17.70 -22.01 -25.70
C SER B 425 16.33 -22.67 -25.55
N LYS B 426 15.60 -22.79 -26.63
CA LYS B 426 14.28 -23.40 -26.55
C LYS B 426 14.37 -24.92 -26.34
N ARG B 427 15.52 -25.49 -26.67
CA ARG B 427 15.71 -26.93 -26.52
C ARG B 427 16.15 -27.28 -25.10
N LYS B 428 17.15 -26.56 -24.61
CA LYS B 428 17.69 -26.79 -23.27
C LYS B 428 16.81 -26.15 -22.20
N ALA B 429 15.95 -25.23 -22.63
CA ALA B 429 15.07 -24.52 -21.71
C ALA B 429 15.95 -23.89 -20.65
N VAL B 430 17.04 -23.28 -21.10
CA VAL B 430 17.99 -22.61 -20.20
C VAL B 430 18.34 -21.24 -20.77
N ASN B 431 18.79 -20.33 -19.92
CA ASN B 431 19.18 -18.99 -20.33
C ASN B 431 20.69 -18.87 -20.19
N TYR B 432 21.37 -18.82 -21.32
CA TYR B 432 22.83 -18.75 -21.33
C TYR B 432 23.46 -17.60 -20.57
N ASN B 433 22.71 -16.54 -20.35
CA ASN B 433 23.24 -15.39 -19.61
C ASN B 433 22.58 -15.31 -18.24
N ASP B 434 22.05 -16.44 -17.76
CA ASP B 434 21.39 -16.49 -16.46
C ASP B 434 22.39 -16.32 -15.33
N VAL B 435 23.06 -15.17 -15.30
CA VAL B 435 24.05 -14.85 -14.28
C VAL B 435 23.63 -13.63 -13.45
N LEU B 436 24.54 -13.16 -12.61
CA LEU B 436 24.32 -12.00 -11.76
C LEU B 436 25.65 -11.28 -11.65
N PRO B 437 25.64 -9.94 -11.64
CA PRO B 437 26.93 -9.26 -11.50
C PRO B 437 27.28 -9.31 -10.02
N ARG B 438 28.49 -8.88 -9.67
CA ARG B 438 28.93 -8.92 -8.28
C ARG B 438 28.61 -7.62 -7.58
N ARG B 439 27.65 -7.66 -6.66
CA ARG B 439 27.24 -6.47 -5.94
C ARG B 439 27.52 -6.51 -4.44
N TRP B 440 27.83 -5.34 -3.90
CA TRP B 440 28.08 -5.21 -2.47
C TRP B 440 26.71 -5.22 -1.79
N GLU B 441 26.51 -6.12 -0.83
CA GLU B 441 25.25 -6.16 -0.09
C GLU B 441 25.62 -5.51 1.24
N HIS B 442 24.64 -5.01 1.98
CA HIS B 442 24.95 -4.35 3.25
C HIS B 442 25.51 -5.29 4.31
N TYR B 443 25.08 -6.54 4.32
CA TYR B 443 25.55 -7.50 5.31
C TYR B 443 26.98 -7.98 5.09
N HIS B 444 27.66 -7.41 4.09
CA HIS B 444 29.04 -7.77 3.79
C HIS B 444 29.89 -7.03 4.82
N GLU B 445 29.32 -5.98 5.38
CA GLU B 445 30.00 -5.15 6.36
C GLU B 445 29.58 -5.53 7.79
N VAL B 446 30.36 -6.37 8.43
CA VAL B 446 30.08 -6.81 9.80
C VAL B 446 30.96 -6.07 10.80
N GLN B 469 32.58 -13.70 11.08
CA GLN B 469 33.08 -12.55 10.34
C GLN B 469 33.89 -12.96 9.12
N ILE B 470 33.85 -12.14 8.08
CA ILE B 470 34.55 -12.44 6.83
C ILE B 470 36.02 -12.81 6.98
N PRO B 471 36.40 -13.99 6.46
CA PRO B 471 37.78 -14.49 6.52
C PRO B 471 38.74 -13.57 5.78
N GLU B 472 39.93 -14.08 5.49
CA GLU B 472 40.94 -13.31 4.78
C GLU B 472 41.25 -14.06 3.50
N GLU B 473 41.10 -15.37 3.57
CA GLU B 473 41.33 -16.24 2.42
C GLU B 473 40.30 -15.91 1.35
N ILE B 474 39.23 -15.23 1.77
CA ILE B 474 38.15 -14.84 0.88
C ILE B 474 38.18 -13.37 0.48
N ARG B 475 38.48 -12.51 1.43
CA ARG B 475 38.56 -11.06 1.17
C ARG B 475 39.48 -10.80 -0.03
N ARG B 476 40.46 -11.68 -0.20
CA ARG B 476 41.43 -11.57 -1.28
C ARG B 476 40.82 -11.88 -2.64
N GLU B 477 39.82 -12.76 -2.66
CA GLU B 477 39.14 -13.14 -3.89
C GLU B 477 37.76 -12.50 -3.98
N LEU B 478 37.58 -11.36 -3.32
CA LEU B 478 36.30 -10.66 -3.31
C LEU B 478 36.37 -9.36 -4.10
N ALA B 479 35.42 -9.16 -5.00
CA ALA B 479 35.38 -7.96 -5.82
C ALA B 479 33.94 -7.52 -6.09
N TYR B 480 33.80 -6.31 -6.60
CA TYR B 480 32.49 -5.75 -6.93
C TYR B 480 32.51 -5.13 -8.32
N ASP B 481 31.48 -5.45 -9.10
CA ASP B 481 31.36 -4.94 -10.47
C ASP B 481 30.76 -3.54 -10.58
N TRP B 482 31.09 -2.86 -11.67
CA TRP B 482 30.55 -1.54 -11.95
C TRP B 482 29.73 -1.70 -13.24
N GLN B 483 29.95 -2.83 -13.91
CA GLN B 483 29.27 -3.16 -15.16
C GLN B 483 28.24 -4.26 -14.90
N LEU B 484 27.22 -4.34 -15.75
CA LEU B 484 26.24 -5.40 -15.62
C LEU B 484 26.85 -6.56 -16.40
N ARG B 485 26.22 -7.72 -16.40
CA ARG B 485 26.78 -8.83 -17.14
C ARG B 485 25.86 -9.46 -18.19
N ALA B 486 26.27 -9.32 -19.44
CA ALA B 486 25.51 -9.85 -20.55
C ALA B 486 26.44 -10.57 -21.54
N ILE B 487 25.96 -10.74 -22.77
CA ILE B 487 26.73 -11.41 -23.79
C ILE B 487 27.09 -10.42 -24.89
N LEU B 488 28.40 -10.28 -25.14
CA LEU B 488 28.94 -9.38 -26.14
C LEU B 488 29.07 -7.95 -25.60
N GLN B 489 29.82 -7.82 -24.52
CA GLN B 489 30.06 -6.51 -23.90
C GLN B 489 31.44 -6.07 -24.40
N ASP B 490 31.48 -4.92 -25.07
CA ASP B 490 32.69 -4.40 -25.67
C ASP B 490 33.64 -3.57 -24.80
N HIS B 491 34.81 -4.16 -24.54
CA HIS B 491 35.85 -3.56 -23.71
C HIS B 491 37.02 -2.99 -24.52
N PHE B 492 37.82 -2.17 -23.86
CA PHE B 492 39.01 -1.55 -24.43
C PHE B 492 40.04 -1.46 -23.30
N ILE B 493 41.05 -2.31 -23.34
CA ILE B 493 42.09 -2.33 -22.31
C ILE B 493 43.50 -2.23 -22.89
N LYS B 494 44.45 -1.79 -22.08
CA LYS B 494 45.83 -1.67 -22.52
C LYS B 494 46.47 -3.05 -22.58
N PRO B 495 47.28 -3.32 -23.63
CA PRO B 495 47.93 -4.62 -23.77
C PRO B 495 48.66 -4.98 -22.49
N GLU B 496 49.10 -3.94 -21.78
CA GLU B 496 49.83 -4.08 -20.53
C GLU B 496 48.95 -4.58 -19.38
N GLU B 497 47.67 -4.80 -19.65
CA GLU B 497 46.74 -5.26 -18.63
C GLU B 497 46.85 -6.76 -18.37
N THR B 498 46.50 -7.18 -17.16
CA THR B 498 46.57 -8.59 -16.77
C THR B 498 45.22 -9.16 -16.34
N LEU B 499 45.11 -10.48 -16.44
CA LEU B 499 43.90 -11.21 -16.08
C LEU B 499 43.50 -11.06 -14.61
N ASP B 500 44.47 -10.76 -13.75
CA ASP B 500 44.19 -10.58 -12.32
C ASP B 500 43.43 -9.29 -12.05
N ASN B 501 43.86 -8.21 -12.67
CA ASN B 501 43.21 -6.91 -12.48
C ASN B 501 41.78 -6.93 -13.05
N TYR B 502 41.62 -7.61 -14.18
CA TYR B 502 40.34 -7.71 -14.84
C TYR B 502 39.30 -8.37 -13.92
N ARG B 503 39.61 -9.58 -13.48
CA ARG B 503 38.73 -10.34 -12.60
C ARG B 503 38.45 -9.66 -11.26
N LEU B 504 39.32 -8.72 -10.88
CA LEU B 504 39.16 -8.02 -9.61
C LEU B 504 38.67 -6.60 -9.80
N VAL B 505 38.24 -6.27 -11.01
CA VAL B 505 37.75 -4.94 -11.33
C VAL B 505 38.74 -3.87 -10.87
N LYS B 506 40.01 -4.20 -10.98
CA LYS B 506 41.08 -3.29 -10.59
C LYS B 506 41.72 -2.71 -11.84
N TYR B 507 41.38 -3.29 -12.99
CA TYR B 507 41.92 -2.86 -14.27
C TYR B 507 41.47 -1.47 -14.70
N HIS B 508 41.81 -1.10 -15.93
CA HIS B 508 41.46 0.21 -16.46
C HIS B 508 40.74 0.09 -17.80
N GLU B 509 39.43 0.28 -17.77
CA GLU B 509 38.60 0.20 -18.97
C GLU B 509 38.76 1.51 -19.75
N LEU B 510 39.45 1.45 -20.88
CA LEU B 510 39.70 2.63 -21.68
C LEU B 510 38.49 3.02 -22.53
N GLY B 511 37.55 2.09 -22.67
CA GLY B 511 36.38 2.36 -23.48
C GLY B 511 35.07 2.64 -22.76
N ASP B 512 34.20 3.41 -23.42
CA ASP B 512 32.89 3.75 -22.88
C ASP B 512 31.84 3.10 -23.78
N PHE B 513 31.98 1.79 -23.97
CA PHE B 513 31.05 1.05 -24.83
C PHE B 513 30.32 -0.04 -24.06
N VAL B 514 30.76 -0.29 -22.84
CA VAL B 514 30.12 -1.32 -22.03
C VAL B 514 28.73 -0.90 -21.53
N ASN B 515 28.65 0.26 -20.90
CA ASN B 515 27.38 0.72 -20.36
C ASN B 515 26.80 1.96 -21.02
N GLN B 516 27.07 2.15 -22.30
CA GLN B 516 26.53 3.31 -23.00
C GLN B 516 25.65 2.84 -24.15
N PRO B 517 24.76 3.72 -24.63
CA PRO B 517 23.81 3.45 -25.72
C PRO B 517 24.45 3.15 -27.08
N TYR B 518 23.76 2.29 -27.84
CA TYR B 518 24.17 1.89 -29.19
C TYR B 518 23.01 2.16 -30.14
N GLU B 519 23.33 2.58 -31.36
CA GLU B 519 22.30 2.81 -32.37
C GLU B 519 21.98 1.43 -32.92
N TYR B 520 20.80 1.25 -33.50
CA TYR B 520 20.45 -0.06 -34.04
C TYR B 520 19.63 0.03 -35.33
N GLU B 521 19.55 -1.10 -36.04
CA GLU B 521 18.80 -1.21 -37.28
C GLU B 521 18.46 -2.67 -37.54
N MET B 522 17.17 -3.01 -37.51
CA MET B 522 16.73 -4.38 -37.73
C MET B 522 17.13 -4.89 -39.11
N ILE B 523 17.38 -6.19 -39.22
CA ILE B 523 17.77 -6.76 -40.50
C ILE B 523 16.92 -7.92 -41.00
N GLU B 524 16.64 -8.89 -40.14
CA GLU B 524 15.84 -10.05 -40.53
C GLU B 524 16.01 -11.16 -39.51
N ASN B 525 17.24 -11.64 -39.40
CA ASN B 525 17.57 -12.71 -38.47
C ASN B 525 18.45 -12.12 -37.38
N GLY B 526 18.36 -10.80 -37.19
CA GLY B 526 19.16 -10.15 -36.17
C GLY B 526 19.06 -8.65 -36.21
N VAL B 527 20.14 -7.97 -35.83
CA VAL B 527 20.20 -6.51 -35.81
C VAL B 527 21.64 -6.03 -35.92
N LYS B 528 21.81 -4.83 -36.46
CA LYS B 528 23.12 -4.23 -36.58
C LYS B 528 23.16 -3.10 -35.55
N LEU B 529 24.17 -3.10 -34.69
CA LEU B 529 24.30 -2.08 -33.66
C LEU B 529 25.65 -1.38 -33.80
N TRP B 530 25.71 -0.11 -33.43
CA TRP B 530 26.95 0.63 -33.52
C TRP B 530 26.95 1.82 -32.58
N ARG B 531 28.14 2.20 -32.12
CA ARG B 531 28.27 3.33 -31.23
C ARG B 531 29.47 4.19 -31.59
N GLU B 532 29.27 5.50 -31.58
CA GLU B 532 30.33 6.45 -31.87
C GLU B 532 30.85 7.03 -30.56
N GLY B 533 31.47 6.18 -29.77
CA GLY B 533 32.02 6.60 -28.49
C GLY B 533 33.48 6.96 -28.67
N GLY B 534 34.31 6.56 -27.71
CA GLY B 534 35.72 6.87 -27.80
C GLY B 534 36.58 6.04 -26.87
N VAL B 535 37.89 6.17 -27.02
CA VAL B 535 38.86 5.45 -26.19
C VAL B 535 39.62 6.51 -25.39
N TYR B 536 39.44 6.48 -24.08
CA TYR B 536 40.09 7.44 -23.20
C TYR B 536 41.38 6.94 -22.57
N ALA B 537 42.45 7.72 -22.75
CA ALA B 537 43.76 7.44 -22.22
C ALA B 537 44.38 8.78 -21.88
N GLU B 538 45.66 8.97 -22.17
CA GLU B 538 46.29 10.25 -21.89
C GLU B 538 45.54 11.24 -22.78
N GLU B 539 44.98 10.70 -23.87
CA GLU B 539 44.24 11.48 -24.84
C GLU B 539 42.94 10.73 -25.19
N LYS B 540 41.91 11.48 -25.59
CA LYS B 540 40.63 10.87 -25.94
C LYS B 540 40.54 10.55 -27.43
N ILE B 541 40.75 9.29 -27.78
CA ILE B 541 40.70 8.88 -29.19
C ILE B 541 39.29 8.43 -29.55
N PRO B 542 38.53 9.29 -30.24
CA PRO B 542 37.16 8.92 -30.64
C PRO B 542 37.12 7.64 -31.45
N ALA B 543 36.48 6.61 -30.90
CA ALA B 543 36.37 5.32 -31.57
C ALA B 543 34.98 5.08 -32.12
N ARG B 544 34.73 3.87 -32.60
CA ARG B 544 33.44 3.51 -33.17
C ARG B 544 33.32 1.99 -33.28
N VAL B 545 32.35 1.41 -32.56
CA VAL B 545 32.15 -0.04 -32.58
C VAL B 545 30.90 -0.45 -33.34
N GLU B 546 31.04 -1.45 -34.21
CA GLU B 546 29.93 -1.96 -35.01
C GLU B 546 29.81 -3.46 -34.78
N LYS B 547 28.59 -3.97 -34.73
CA LYS B 547 28.40 -5.39 -34.54
C LYS B 547 27.14 -5.86 -35.27
N LYS B 548 27.29 -6.90 -36.07
CA LYS B 548 26.16 -7.45 -36.82
C LYS B 548 25.77 -8.75 -36.14
N ILE B 549 24.66 -8.70 -35.40
CA ILE B 549 24.19 -9.89 -34.69
C ILE B 549 23.08 -10.61 -35.44
N GLU B 550 23.28 -11.89 -35.66
CA GLU B 550 22.30 -12.71 -36.37
C GLU B 550 22.15 -14.06 -35.69
N LEU B 551 20.93 -14.56 -35.64
CA LEU B 551 20.68 -15.84 -35.04
C LEU B 551 20.98 -16.89 -36.10
N THR B 552 21.60 -17.99 -35.68
CA THR B 552 21.91 -19.07 -36.58
C THR B 552 21.00 -20.22 -36.18
N GLU B 553 21.15 -21.37 -36.83
CA GLU B 553 20.29 -22.51 -36.50
C GLU B 553 20.59 -23.03 -35.08
N ASP B 554 21.85 -22.90 -34.67
CA ASP B 554 22.28 -23.38 -33.36
C ASP B 554 22.97 -22.33 -32.49
N GLY B 555 22.40 -21.12 -32.46
CA GLY B 555 22.99 -20.04 -31.67
C GLY B 555 22.97 -18.72 -32.40
N PHE B 556 24.10 -18.04 -32.43
CA PHE B 556 24.20 -16.75 -33.11
C PHE B 556 25.63 -16.50 -33.57
N ILE B 557 25.79 -15.43 -34.35
CA ILE B 557 27.10 -15.03 -34.84
C ILE B 557 27.11 -13.51 -34.85
N ALA B 558 28.27 -12.92 -34.57
CA ALA B 558 28.37 -11.47 -34.54
C ALA B 558 29.64 -11.01 -35.25
N LYS B 559 29.49 -10.10 -36.20
CA LYS B 559 30.63 -9.58 -36.96
C LYS B 559 30.96 -8.16 -36.51
N TYR B 560 32.13 -7.98 -35.91
CA TYR B 560 32.56 -6.67 -35.42
C TYR B 560 33.41 -5.88 -36.40
N ARG B 561 33.50 -4.58 -36.16
CA ARG B 561 34.28 -3.68 -36.97
C ARG B 561 34.65 -2.47 -36.13
N VAL B 562 35.67 -2.64 -35.29
CA VAL B 562 36.13 -1.54 -34.43
C VAL B 562 37.05 -0.64 -35.24
N LEU B 563 37.01 0.65 -34.96
CA LEU B 563 37.83 1.61 -35.70
C LEU B 563 38.11 2.88 -34.90
N LEU B 564 39.39 3.23 -34.77
CA LEU B 564 39.79 4.43 -34.05
C LEU B 564 40.09 5.56 -35.04
N GLU B 565 39.76 6.79 -34.65
CA GLU B 565 40.00 7.95 -35.49
C GLU B 565 41.49 8.12 -35.80
N LYS B 566 42.32 7.93 -34.78
CA LYS B 566 43.76 8.05 -34.94
C LYS B 566 44.43 6.87 -34.26
N PRO B 567 45.49 6.32 -34.88
CA PRO B 567 46.23 5.17 -34.34
C PRO B 567 46.47 5.19 -32.84
N TYR B 568 46.53 4.00 -32.24
CA TYR B 568 46.76 3.83 -30.81
C TYR B 568 46.79 2.35 -30.44
N LYS B 569 47.85 1.93 -29.74
CA LYS B 569 47.98 0.54 -29.33
C LYS B 569 47.02 0.19 -28.20
N ALA B 570 46.09 -0.72 -28.48
CA ALA B 570 45.11 -1.13 -27.49
C ALA B 570 44.55 -2.51 -27.80
N LEU B 571 43.89 -3.12 -26.82
CA LEU B 571 43.31 -4.43 -27.01
C LEU B 571 41.79 -4.34 -26.93
N PHE B 572 41.11 -4.73 -28.01
CA PHE B 572 39.65 -4.70 -28.03
C PHE B 572 39.14 -6.00 -27.44
N GLY B 573 38.24 -5.90 -26.47
CA GLY B 573 37.70 -7.09 -25.85
C GLY B 573 36.23 -7.33 -26.05
N VAL B 574 35.88 -8.58 -26.34
CA VAL B 574 34.49 -8.97 -26.52
C VAL B 574 34.23 -9.98 -25.40
N GLU B 575 33.46 -9.55 -24.42
CA GLU B 575 33.14 -10.38 -23.27
C GLU B 575 31.80 -11.11 -23.41
N ILE B 576 31.78 -12.36 -22.93
CA ILE B 576 30.59 -13.18 -22.99
C ILE B 576 30.40 -13.94 -21.68
N ASN B 577 29.39 -13.54 -20.93
CA ASN B 577 29.08 -14.18 -19.65
C ASN B 577 28.16 -15.36 -19.91
N LEU B 578 28.51 -16.51 -19.33
CA LEU B 578 27.71 -17.69 -19.49
C LEU B 578 27.31 -18.25 -18.14
N ALA B 579 26.12 -18.83 -18.08
CA ALA B 579 25.58 -19.40 -16.86
C ALA B 579 26.14 -20.77 -16.46
N VAL B 580 27.46 -20.87 -16.34
CA VAL B 580 28.09 -22.13 -15.94
C VAL B 580 27.93 -22.26 -14.43
N HIS B 581 27.09 -23.21 -14.00
CA HIS B 581 26.80 -23.38 -12.58
C HIS B 581 27.21 -24.72 -11.94
N SER B 582 27.32 -25.78 -12.74
CA SER B 582 27.66 -27.11 -12.21
C SER B 582 29.14 -27.42 -12.06
N VAL B 583 29.98 -26.80 -12.89
CA VAL B 583 31.42 -27.05 -12.81
C VAL B 583 32.15 -25.82 -12.30
N MET B 584 32.72 -25.90 -11.11
CA MET B 584 33.43 -24.77 -10.54
C MET B 584 34.70 -24.45 -11.31
N GLU B 585 34.60 -23.50 -12.24
CA GLU B 585 35.74 -23.08 -13.04
C GLU B 585 36.78 -22.35 -12.21
N LYS B 586 37.86 -21.92 -12.88
CA LYS B 586 38.97 -21.23 -12.23
C LYS B 586 39.47 -20.17 -13.21
N PRO B 587 40.14 -19.11 -12.71
CA PRO B 587 40.64 -18.07 -13.63
C PRO B 587 41.62 -18.73 -14.60
N GLU B 588 41.87 -18.08 -15.73
CA GLU B 588 42.79 -18.66 -16.72
C GLU B 588 42.80 -17.85 -17.99
N GLU B 589 43.98 -17.68 -18.58
CA GLU B 589 44.10 -16.95 -19.83
C GLU B 589 44.83 -17.83 -20.84
N PHE B 590 44.14 -18.14 -21.94
CA PHE B 590 44.72 -18.98 -22.98
C PHE B 590 44.42 -18.41 -24.36
N GLU B 591 45.11 -18.93 -25.37
CA GLU B 591 44.90 -18.47 -26.74
C GLU B 591 44.12 -19.54 -27.49
N ALA B 592 43.23 -19.12 -28.39
CA ALA B 592 42.44 -20.07 -29.15
C ALA B 592 41.61 -19.36 -30.21
N LYS B 593 41.14 -20.13 -31.18
CA LYS B 593 40.32 -19.60 -32.25
C LYS B 593 38.92 -20.14 -31.98
N GLU B 594 38.89 -21.25 -31.25
CA GLU B 594 37.64 -21.91 -30.88
C GLU B 594 37.91 -22.73 -29.63
N PHE B 595 36.93 -22.78 -28.73
CA PHE B 595 37.07 -23.57 -27.51
C PHE B 595 35.71 -24.03 -27.01
N GLU B 596 35.71 -25.18 -26.36
CA GLU B 596 34.47 -25.76 -25.86
C GLU B 596 34.25 -25.51 -24.37
N VAL B 597 32.99 -25.43 -23.99
CA VAL B 597 32.60 -25.21 -22.60
C VAL B 597 31.60 -26.28 -22.24
N ASN B 598 31.81 -26.94 -21.11
CA ASN B 598 30.92 -28.00 -20.68
C ASN B 598 30.50 -27.81 -19.22
N ASP B 599 29.19 -27.68 -19.02
CA ASP B 599 28.59 -27.47 -17.71
C ASP B 599 27.45 -28.48 -17.61
N PRO B 600 27.80 -29.75 -17.36
CA PRO B 600 26.92 -30.92 -17.22
C PRO B 600 25.51 -30.71 -16.66
N TYR B 601 25.41 -30.11 -15.48
CA TYR B 601 24.11 -29.88 -14.86
C TYR B 601 23.70 -28.40 -14.85
N GLY B 602 24.25 -27.65 -15.80
CA GLY B 602 23.93 -26.25 -15.92
C GLY B 602 23.45 -25.90 -17.32
N ILE B 603 24.31 -25.27 -18.11
CA ILE B 603 23.94 -24.88 -19.46
C ILE B 603 24.24 -25.95 -20.52
N GLY B 604 24.74 -27.11 -20.09
CA GLY B 604 25.07 -28.15 -21.04
C GLY B 604 26.36 -27.86 -21.79
N LYS B 605 26.42 -28.27 -23.06
CA LYS B 605 27.64 -28.06 -23.85
C LYS B 605 27.49 -26.96 -24.91
N VAL B 606 28.49 -26.09 -24.98
CA VAL B 606 28.47 -25.00 -25.95
C VAL B 606 29.88 -24.70 -26.43
N ARG B 607 29.98 -24.10 -27.61
CA ARG B 607 31.27 -23.78 -28.18
C ARG B 607 31.29 -22.35 -28.69
N ILE B 608 32.45 -21.72 -28.58
CA ILE B 608 32.66 -20.35 -29.04
C ILE B 608 33.69 -20.43 -30.16
N GLU B 609 33.29 -19.98 -31.35
CA GLU B 609 34.19 -20.05 -32.50
C GLU B 609 34.47 -18.69 -33.13
N LEU B 610 35.75 -18.38 -33.28
CA LEU B 610 36.18 -17.12 -33.88
C LEU B 610 36.65 -17.40 -35.30
N ASP B 611 36.88 -16.34 -36.07
CA ASP B 611 37.36 -16.48 -37.43
C ASP B 611 38.86 -16.23 -37.40
N LYS B 612 39.42 -16.27 -36.19
CA LYS B 612 40.83 -16.02 -35.97
C LYS B 612 41.13 -16.15 -34.48
N ALA B 613 42.29 -16.69 -34.15
CA ALA B 613 42.68 -16.88 -32.76
C ALA B 613 42.90 -15.54 -32.05
N ALA B 614 42.73 -15.56 -30.72
CA ALA B 614 42.90 -14.37 -29.90
C ALA B 614 43.13 -14.77 -28.44
N LYS B 615 43.46 -13.78 -27.61
CA LYS B 615 43.70 -14.02 -26.18
C LYS B 615 42.36 -14.12 -25.44
N VAL B 616 42.10 -15.28 -24.85
CA VAL B 616 40.86 -15.50 -24.13
C VAL B 616 41.03 -15.45 -22.61
N TRP B 617 40.40 -14.46 -21.98
CA TRP B 617 40.47 -14.31 -20.53
C TRP B 617 39.25 -14.93 -19.86
N LYS B 618 39.49 -15.87 -18.95
CA LYS B 618 38.43 -16.56 -18.26
C LYS B 618 38.51 -16.37 -16.75
N PHE B 619 37.35 -16.27 -16.09
CA PHE B 619 37.29 -16.11 -14.65
C PHE B 619 35.85 -16.31 -14.16
N PRO B 620 35.68 -17.01 -13.03
CA PRO B 620 34.35 -17.27 -12.47
C PRO B 620 33.74 -16.07 -11.75
N ILE B 621 32.43 -15.92 -11.88
CA ILE B 621 31.70 -14.84 -11.24
C ILE B 621 31.44 -15.31 -9.80
N LYS B 622 32.13 -14.69 -8.86
CA LYS B 622 32.03 -15.05 -7.43
C LYS B 622 31.24 -14.06 -6.58
N THR B 623 30.22 -14.54 -5.88
CA THR B 623 29.42 -13.69 -5.00
C THR B 623 29.39 -14.25 -3.58
N LEU B 624 29.57 -13.37 -2.58
CA LEU B 624 29.56 -13.79 -1.18
C LEU B 624 28.27 -14.49 -0.80
N SER B 625 28.36 -15.38 0.17
CA SER B 625 27.20 -16.12 0.64
C SER B 625 27.30 -16.38 2.15
N GLN B 626 26.25 -16.02 2.87
CA GLN B 626 26.19 -16.20 4.32
C GLN B 626 25.37 -17.43 4.66
N SER B 627 26.04 -18.51 5.04
CA SER B 627 25.34 -19.74 5.40
C SER B 627 25.64 -20.10 6.86
N GLU B 628 25.13 -21.25 7.28
CA GLU B 628 25.35 -21.72 8.64
C GLU B 628 26.82 -22.11 8.81
N ALA B 629 27.47 -22.43 7.69
CA ALA B 629 28.87 -22.84 7.69
C ALA B 629 29.83 -21.66 7.79
N GLY B 630 29.37 -20.48 7.41
CA GLY B 630 30.20 -19.30 7.46
C GLY B 630 30.20 -18.61 6.11
N TRP B 631 31.28 -17.90 5.79
CA TRP B 631 31.35 -17.20 4.51
C TRP B 631 31.91 -18.07 3.39
N ASP B 632 31.10 -18.29 2.36
CA ASP B 632 31.48 -19.07 1.19
C ASP B 632 31.20 -18.29 -0.08
N PHE B 633 31.50 -18.90 -1.22
CA PHE B 633 31.27 -18.28 -2.52
C PHE B 633 30.26 -19.08 -3.34
N ILE B 634 29.66 -18.42 -4.31
CA ILE B 634 28.71 -19.05 -5.21
C ILE B 634 29.12 -18.66 -6.62
N GLN B 635 29.20 -19.64 -7.51
CA GLN B 635 29.58 -19.38 -8.90
C GLN B 635 28.32 -19.06 -9.70
N GLN B 636 28.07 -17.77 -9.90
CA GLN B 636 26.89 -17.32 -10.65
C GLN B 636 27.04 -17.64 -12.14
N GLY B 637 28.29 -17.76 -12.57
CA GLY B 637 28.58 -18.06 -13.95
C GLY B 637 30.05 -17.82 -14.23
N VAL B 638 30.43 -17.89 -15.49
CA VAL B 638 31.82 -17.65 -15.85
C VAL B 638 31.90 -16.62 -16.96
N SER B 639 32.94 -15.81 -16.92
CA SER B 639 33.14 -14.78 -17.91
C SER B 639 34.29 -15.10 -18.86
N TYR B 640 33.98 -15.19 -20.14
CA TYR B 640 34.99 -15.46 -21.16
C TYR B 640 35.09 -14.23 -22.04
N THR B 641 36.20 -13.51 -21.95
CA THR B 641 36.37 -12.34 -22.78
C THR B 641 37.48 -12.59 -23.80
N MET B 642 37.20 -12.27 -25.06
CA MET B 642 38.14 -12.47 -26.15
C MET B 642 38.85 -11.17 -26.55
N LEU B 643 40.14 -11.09 -26.26
CA LEU B 643 40.94 -9.91 -26.56
C LEU B 643 41.67 -9.98 -27.91
N PHE B 644 41.51 -8.94 -28.71
CA PHE B 644 42.17 -8.84 -30.02
C PHE B 644 43.00 -7.57 -30.03
N PRO B 645 44.25 -7.64 -30.53
CA PRO B 645 45.10 -6.46 -30.59
C PRO B 645 44.64 -5.46 -31.65
N ILE B 646 44.51 -4.19 -31.28
CA ILE B 646 44.07 -3.17 -32.22
C ILE B 646 44.92 -1.91 -32.11
N GLU B 647 44.97 -1.13 -33.18
CA GLU B 647 45.74 0.10 -33.22
C GLU B 647 45.09 1.10 -34.16
N LYS B 648 44.18 0.63 -35.00
CA LYS B 648 43.51 1.52 -35.96
C LYS B 648 42.37 0.80 -36.69
N GLU B 649 42.59 -0.46 -37.02
CA GLU B 649 41.59 -1.24 -37.74
C GLU B 649 41.47 -2.61 -37.09
N LEU B 650 40.29 -3.22 -37.18
CA LEU B 650 40.07 -4.53 -36.60
C LEU B 650 38.73 -5.13 -36.97
N GLU B 651 38.76 -6.34 -37.52
CA GLU B 651 37.54 -7.04 -37.91
C GLU B 651 37.68 -8.50 -37.56
N PHE B 652 36.60 -9.09 -37.06
CA PHE B 652 36.60 -10.49 -36.68
C PHE B 652 35.18 -11.00 -36.61
N THR B 653 35.01 -12.24 -36.13
CA THR B 653 33.69 -12.84 -36.02
C THR B 653 33.62 -13.80 -34.84
N VAL B 654 32.56 -13.67 -34.05
CA VAL B 654 32.38 -14.53 -32.90
C VAL B 654 31.09 -15.30 -33.11
N ARG B 655 31.16 -16.62 -32.95
CA ARG B 655 30.00 -17.46 -33.15
C ARG B 655 29.72 -18.22 -31.86
N PHE B 656 28.43 -18.35 -31.53
CA PHE B 656 28.03 -19.08 -30.35
C PHE B 656 27.30 -20.32 -30.81
N ARG B 657 27.83 -21.49 -30.47
CA ARG B 657 27.22 -22.74 -30.87
C ARG B 657 26.69 -23.53 -29.71
N GLU B 658 25.42 -23.91 -29.81
CA GLU B 658 24.79 -24.72 -28.78
C GLU B 658 25.11 -26.16 -29.16
N LEU B 659 25.30 -27.01 -28.16
CA LEU B 659 25.59 -28.42 -28.41
C LEU B 659 24.69 -29.25 -27.51
#